data_9QZ1
#
_entry.id   9QZ1
#
_cell.length_a   52.690
_cell.length_b   119.840
_cell.length_c   75.440
_cell.angle_alpha   90.000
_cell.angle_beta   108.070
_cell.angle_gamma   90.000
#
_symmetry.space_group_name_H-M   'P 1 21 1'
#
loop_
_entity.id
_entity.type
_entity.pdbx_description
1 polymer 'multiple inositol polyphosphate histidine phosphatase 1'
2 non-polymer '(1R,2R,3R,4S,5R,6R)-6-hydroxycyclohexane-1,2,3,4,5-pentayl pentakis[dihydrogen (phosphate)]'
3 water water
#
_entity_poly.entity_id   1
_entity_poly.type   'polypeptide(L)'
_entity_poly.pdbx_seq_one_letter_code
;MGSSHHHHHHSSGLVPRGSHMQTKIQKYAGTAMPYPNRTDSSITFRDGMTPFYINHLGRHGARFPTSRKALDKVEKVLVS
AQQENGLTSEGMALLSMIRRLSRLFDGQWGKLSKLGETEQEGIAGRMIRNYPQLFSNSAKIEAIATYVPRSINSMDAFLS
CMIRHNPALQVQRSEGKQYNHILRFFDLNKSYVNYKEKGDWLPIYKAFVHKKISPVPIMKKFLLNPEQYLDKEAEEFVMA
LFSVAAILPDTSIPLNLEDLFTLDEWHRYWQTQNLRQYMSKSSAPVGKMLPVAIAWPLLSEFIRSAQEVISGKSDYQANF
RFAHANTVIPFVSLMGIEKTDVQVCRPDSVSVYWKDYEISPMAANVQWLFYRDRDQRIWVKILLNEEAAALPISTACFPY
YSWEKTRIFFNQRIEMAKKTLSVFNE
;
_entity_poly.pdbx_strand_id   A,B
#
loop_
_chem_comp.id
_chem_comp.type
_chem_comp.name
_chem_comp.formula
ZNZ non-polymer '(1R,2R,3R,4S,5R,6R)-6-hydroxycyclohexane-1,2,3,4,5-pentayl pentakis[dihydrogen (phosphate)]' 'C6 H17 O21 P5'
#
# COMPACT_ATOMS: atom_id res chain seq x y z
N THR A 23 -11.92 1.23 -10.77
CA THR A 23 -13.07 0.34 -10.89
C THR A 23 -12.63 -1.06 -10.49
N LYS A 24 -13.27 -1.62 -9.46
CA LYS A 24 -12.83 -2.94 -9.01
C LYS A 24 -13.00 -3.97 -10.11
N ILE A 25 -14.01 -3.79 -10.96
CA ILE A 25 -14.18 -4.75 -12.05
C ILE A 25 -12.98 -4.72 -12.97
N GLN A 26 -12.43 -3.53 -13.23
CA GLN A 26 -11.27 -3.41 -14.11
C GLN A 26 -10.07 -4.11 -13.52
N LYS A 27 -9.83 -3.93 -12.22
CA LYS A 27 -8.70 -4.56 -11.55
C LYS A 27 -8.77 -6.08 -11.62
N TYR A 28 -9.98 -6.63 -11.61
CA TYR A 28 -10.12 -8.08 -11.61
C TYR A 28 -9.74 -8.70 -12.95
N ALA A 29 -9.57 -7.89 -14.00
CA ALA A 29 -8.99 -8.46 -15.19
C ALA A 29 -7.55 -8.90 -14.90
N GLY A 30 -6.97 -8.45 -13.78
CA GLY A 30 -5.65 -8.88 -13.43
C GLY A 30 -4.64 -8.31 -14.42
N THR A 31 -3.79 -9.20 -14.97
CA THR A 31 -2.79 -8.75 -15.94
C THR A 31 -3.40 -8.38 -17.29
N ALA A 32 -4.72 -8.52 -17.46
CA ALA A 32 -5.39 -8.03 -18.66
C ALA A 32 -6.00 -6.66 -18.48
N MET A 33 -5.89 -6.08 -17.29
CA MET A 33 -6.42 -4.75 -17.03
C MET A 33 -5.71 -3.71 -17.89
N PRO A 34 -6.41 -2.90 -18.69
CA PRO A 34 -5.71 -1.89 -19.48
C PRO A 34 -4.94 -0.97 -18.54
N TYR A 35 -3.85 -0.42 -19.07
CA TYR A 35 -3.04 0.52 -18.32
C TYR A 35 -3.91 1.53 -17.58
N PRO A 36 -3.73 1.72 -16.27
CA PRO A 36 -4.51 2.70 -15.52
C PRO A 36 -4.32 4.12 -16.00
N ASN A 37 -5.12 5.03 -15.41
CA ASN A 37 -5.13 6.44 -15.78
C ASN A 37 -4.00 7.22 -15.10
N ARG A 38 -3.27 7.99 -15.88
CA ARG A 38 -2.07 8.68 -15.43
C ARG A 38 -2.15 10.14 -15.85
N THR A 39 -2.28 11.04 -14.88
CA THR A 39 -2.39 12.47 -15.18
C THR A 39 -1.77 13.31 -14.05
N MET A 49 15.20 18.10 -10.43
CA MET A 49 15.01 18.73 -11.74
C MET A 49 14.82 17.72 -12.87
N THR A 50 15.72 17.78 -13.87
CA THR A 50 15.76 16.98 -15.10
C THR A 50 16.69 15.80 -14.95
N PRO A 51 16.29 14.62 -15.40
CA PRO A 51 17.21 13.47 -15.42
C PRO A 51 18.06 13.49 -16.68
N PHE A 52 19.22 12.88 -16.59
CA PHE A 52 20.10 12.78 -17.75
C PHE A 52 19.97 11.46 -18.47
N TYR A 53 19.30 10.48 -17.89
CA TYR A 53 19.18 9.18 -18.50
C TYR A 53 17.91 8.50 -18.04
N ILE A 54 17.25 7.76 -18.92
CA ILE A 54 16.11 6.94 -18.53
C ILE A 54 16.37 5.52 -18.99
N ASN A 55 16.14 4.56 -18.10
CA ASN A 55 16.27 3.13 -18.33
C ASN A 55 14.89 2.52 -18.23
N HIS A 56 14.40 1.93 -19.28
CA HIS A 56 13.00 1.58 -19.28
C HIS A 56 12.81 0.14 -19.76
N LEU A 57 11.69 -0.42 -19.33
CA LEU A 57 11.22 -1.73 -19.72
C LEU A 57 9.71 -1.66 -19.70
N GLY A 58 9.10 -2.00 -20.82
CA GLY A 58 7.67 -1.88 -20.96
C GLY A 58 7.05 -3.16 -21.47
N ARG A 59 6.06 -3.67 -20.76
CA ARG A 59 5.17 -4.60 -21.41
C ARG A 59 4.44 -3.89 -22.55
N HIS A 60 4.31 -4.59 -23.68
CA HIS A 60 3.46 -4.15 -24.78
C HIS A 60 2.07 -3.72 -24.28
N GLY A 61 1.35 -2.95 -25.09
CA GLY A 61 0.03 -2.46 -24.68
C GLY A 61 -1.05 -3.54 -24.77
N ALA A 62 -2.29 -3.11 -24.49
CA ALA A 62 -3.47 -3.96 -24.66
C ALA A 62 -3.46 -4.66 -26.01
N ARG A 63 -3.71 -5.96 -26.00
CA ARG A 63 -3.62 -6.78 -27.21
C ARG A 63 -4.84 -7.68 -27.36
N PHE A 64 -5.06 -8.14 -28.58
CA PHE A 64 -6.07 -9.14 -28.83
C PHE A 64 -5.68 -10.45 -28.12
N PRO A 65 -6.66 -11.30 -27.85
CA PRO A 65 -6.31 -12.61 -27.27
C PRO A 65 -5.35 -13.37 -28.18
N THR A 66 -4.39 -14.02 -27.56
CA THR A 66 -3.30 -14.67 -28.28
C THR A 66 -3.63 -16.09 -28.71
N SER A 67 -4.86 -16.56 -28.48
CA SER A 67 -5.25 -17.94 -28.72
C SER A 67 -6.77 -18.03 -28.83
N ARG A 68 -7.20 -18.84 -29.77
CA ARG A 68 -8.63 -19.06 -29.98
C ARG A 68 -9.23 -20.07 -29.00
N LYS A 69 -8.49 -20.48 -27.97
CA LYS A 69 -8.83 -21.70 -27.24
C LYS A 69 -9.96 -21.49 -26.24
N ALA A 70 -9.95 -20.39 -25.49
CA ALA A 70 -11.08 -20.10 -24.61
C ALA A 70 -12.35 -19.80 -25.42
N LEU A 71 -12.22 -19.04 -26.51
CA LEU A 71 -13.39 -18.79 -27.35
C LEU A 71 -13.96 -20.08 -27.91
N ASP A 72 -13.11 -21.02 -28.28
CA ASP A 72 -13.57 -22.31 -28.81
C ASP A 72 -14.33 -23.12 -27.77
N LYS A 73 -13.79 -23.22 -26.56
CA LYS A 73 -14.45 -23.98 -25.51
C LYS A 73 -15.88 -23.48 -25.31
N VAL A 74 -16.00 -22.17 -25.04
CA VAL A 74 -17.30 -21.55 -24.82
C VAL A 74 -18.26 -21.93 -25.94
N GLU A 75 -17.85 -21.69 -27.18
CA GLU A 75 -18.75 -21.94 -28.30
C GLU A 75 -19.21 -23.39 -28.35
N LYS A 76 -18.28 -24.34 -28.22
CA LYS A 76 -18.67 -25.74 -28.31
C LYS A 76 -19.68 -26.09 -27.22
N VAL A 77 -19.49 -25.56 -26.02
CA VAL A 77 -20.41 -25.87 -24.94
C VAL A 77 -21.81 -25.33 -25.23
N LEU A 78 -21.91 -24.10 -25.73
CA LEU A 78 -23.22 -23.51 -26.00
C LEU A 78 -23.82 -24.03 -27.31
N VAL A 79 -22.98 -24.38 -28.28
CA VAL A 79 -23.49 -25.04 -29.48
C VAL A 79 -24.10 -26.38 -29.12
N SER A 80 -23.41 -27.15 -28.29
CA SER A 80 -23.95 -28.40 -27.78
C SER A 80 -25.24 -28.15 -26.99
N ALA A 81 -25.27 -27.11 -26.18
CA ALA A 81 -26.50 -26.77 -25.48
C ALA A 81 -27.63 -26.57 -26.49
N GLN A 82 -27.45 -25.64 -27.43
CA GLN A 82 -28.55 -25.27 -28.31
C GLN A 82 -28.94 -26.40 -29.25
N GLN A 83 -27.99 -27.26 -29.63
CA GLN A 83 -28.36 -28.47 -30.37
C GLN A 83 -29.24 -29.39 -29.53
N GLU A 84 -29.26 -29.18 -28.21
CA GLU A 84 -30.00 -30.03 -27.27
C GLU A 84 -31.16 -29.27 -26.60
N ASN A 85 -31.41 -28.01 -26.98
CA ASN A 85 -32.39 -27.14 -26.33
C ASN A 85 -32.06 -26.92 -24.86
N GLY A 86 -30.77 -26.86 -24.56
CA GLY A 86 -30.31 -26.64 -23.21
C GLY A 86 -29.95 -25.20 -22.92
N LEU A 87 -30.26 -24.28 -23.81
CA LEU A 87 -29.84 -22.90 -23.66
C LEU A 87 -30.96 -22.03 -23.09
N THR A 88 -30.62 -21.22 -22.10
CA THR A 88 -31.43 -20.12 -21.63
C THR A 88 -31.68 -19.09 -22.75
N SER A 89 -32.63 -18.19 -22.50
CA SER A 89 -32.73 -16.97 -23.31
C SER A 89 -31.36 -16.30 -23.42
N GLU A 90 -30.79 -15.91 -22.26
CA GLU A 90 -29.46 -15.31 -22.28
C GLU A 90 -28.43 -16.26 -22.86
N GLY A 91 -28.67 -17.57 -22.73
CA GLY A 91 -27.80 -18.54 -23.37
C GLY A 91 -27.66 -18.20 -24.84
N MET A 92 -28.79 -18.05 -25.52
CA MET A 92 -28.77 -17.79 -26.96
C MET A 92 -28.11 -16.45 -27.25
N ALA A 93 -28.37 -15.45 -26.41
CA ALA A 93 -27.76 -14.13 -26.59
C ALA A 93 -26.25 -14.17 -26.37
N LEU A 94 -25.76 -15.14 -25.60
CA LEU A 94 -24.33 -15.31 -25.52
C LEU A 94 -23.77 -16.06 -26.72
N LEU A 95 -24.47 -17.10 -27.19
CA LEU A 95 -24.03 -17.82 -28.38
C LEU A 95 -23.84 -16.86 -29.55
N SER A 96 -24.85 -16.05 -29.85
CA SER A 96 -24.71 -15.02 -30.89
C SER A 96 -23.50 -14.13 -30.65
N MET A 97 -23.43 -13.48 -29.49
CA MET A 97 -22.24 -12.72 -29.10
C MET A 97 -20.97 -13.48 -29.45
N ILE A 98 -20.84 -14.70 -28.92
CA ILE A 98 -19.62 -15.47 -29.13
C ILE A 98 -19.34 -15.66 -30.61
N ARG A 99 -20.36 -16.00 -31.41
CA ARG A 99 -20.13 -16.17 -32.84
C ARG A 99 -19.60 -14.90 -33.47
N ARG A 100 -20.24 -13.76 -33.21
CA ARG A 100 -19.75 -12.51 -33.78
C ARG A 100 -18.30 -12.26 -33.40
N LEU A 101 -17.95 -12.49 -32.14
CA LEU A 101 -16.57 -12.29 -31.69
C LEU A 101 -15.59 -13.17 -32.45
N SER A 102 -16.00 -14.39 -32.82
CA SER A 102 -15.09 -15.27 -33.55
C SER A 102 -14.77 -14.66 -34.90
N ARG A 103 -15.76 -14.01 -35.50
CA ARG A 103 -15.55 -13.30 -36.75
C ARG A 103 -14.67 -12.08 -36.53
N LEU A 104 -14.87 -11.37 -35.43
CA LEU A 104 -14.09 -10.18 -35.16
C LEU A 104 -12.67 -10.48 -34.68
N PHE A 105 -12.36 -11.71 -34.30
CA PHE A 105 -11.01 -12.09 -33.92
C PHE A 105 -10.27 -12.82 -35.02
N ASP A 106 -10.94 -13.07 -36.15
CA ASP A 106 -10.31 -13.73 -37.28
C ASP A 106 -9.09 -12.93 -37.74
N GLY A 107 -7.94 -13.61 -37.85
CA GLY A 107 -6.70 -12.98 -38.28
C GLY A 107 -6.11 -11.98 -37.31
N GLN A 108 -6.82 -11.65 -36.23
CA GLN A 108 -6.38 -10.63 -35.29
C GLN A 108 -5.64 -11.20 -34.08
N TRP A 109 -5.72 -12.51 -33.85
CA TRP A 109 -5.10 -13.14 -32.68
C TRP A 109 -3.72 -12.58 -32.34
N GLY A 110 -3.59 -11.93 -31.19
CA GLY A 110 -2.30 -11.47 -30.71
C GLY A 110 -1.91 -10.07 -31.12
N LYS A 111 -2.49 -9.54 -32.22
CA LYS A 111 -2.16 -8.21 -32.67
C LYS A 111 -2.33 -7.18 -31.57
N LEU A 112 -1.41 -6.23 -31.49
CA LEU A 112 -1.65 -5.05 -30.66
C LEU A 112 -2.92 -4.33 -31.10
N SER A 113 -3.79 -4.01 -30.16
CA SER A 113 -5.03 -3.33 -30.52
C SER A 113 -4.88 -1.81 -30.53
N LYS A 114 -5.87 -1.14 -31.11
CA LYS A 114 -5.82 0.32 -31.18
C LYS A 114 -5.58 0.91 -29.79
N LEU A 115 -6.27 0.38 -28.77
CA LEU A 115 -6.00 0.81 -27.41
C LEU A 115 -4.54 0.54 -27.01
N GLY A 116 -3.96 -0.56 -27.50
CA GLY A 116 -2.53 -0.81 -27.27
C GLY A 116 -1.66 0.31 -27.80
N GLU A 117 -1.82 0.63 -29.09
CA GLU A 117 -1.15 1.78 -29.69
CA GLU A 117 -1.11 1.76 -29.68
C GLU A 117 -1.29 3.02 -28.82
N THR A 118 -2.52 3.31 -28.36
CA THR A 118 -2.82 4.52 -27.60
C THR A 118 -2.10 4.57 -26.25
N GLU A 119 -2.20 3.53 -25.41
CA GLU A 119 -1.57 3.59 -24.10
C GLU A 119 -0.06 3.82 -24.21
N GLN A 120 0.59 3.25 -25.23
CA GLN A 120 2.00 3.57 -25.47
C GLN A 120 2.15 5.05 -25.79
N GLU A 121 1.35 5.56 -26.75
CA GLU A 121 1.39 6.99 -27.06
C GLU A 121 1.26 7.83 -25.79
N GLY A 122 0.37 7.45 -24.89
CA GLY A 122 0.30 8.05 -23.59
C GLY A 122 1.58 7.99 -22.77
N ILE A 123 2.05 6.78 -22.47
CA ILE A 123 3.28 6.63 -21.68
C ILE A 123 4.40 7.43 -22.30
N ALA A 124 4.54 7.34 -23.62
CA ALA A 124 5.56 8.14 -24.30
C ALA A 124 5.28 9.63 -24.13
N GLY A 125 4.08 10.07 -24.50
CA GLY A 125 3.72 11.48 -24.36
C GLY A 125 3.99 12.05 -22.98
N ARG A 126 3.69 11.29 -21.93
CA ARG A 126 3.85 11.80 -20.57
C ARG A 126 5.31 11.87 -20.15
N MET A 127 6.17 11.00 -20.70
CA MET A 127 7.59 11.06 -20.36
C MET A 127 8.30 12.19 -21.11
N ILE A 128 7.83 12.50 -22.32
CA ILE A 128 8.33 13.67 -23.04
C ILE A 128 8.01 14.94 -22.26
N ARG A 129 6.76 15.10 -21.82
CA ARG A 129 6.37 16.35 -21.18
C ARG A 129 7.02 16.51 -19.80
N ASN A 130 7.07 15.45 -19.00
CA ASN A 130 7.73 15.54 -17.70
C ASN A 130 9.21 15.87 -17.83
N TYR A 131 9.86 15.45 -18.91
CA TYR A 131 11.32 15.45 -18.99
C TYR A 131 11.75 15.94 -20.37
N PRO A 132 11.30 17.12 -20.78
CA PRO A 132 11.58 17.55 -22.14
C PRO A 132 13.04 17.94 -22.35
N GLN A 133 13.76 18.33 -21.31
CA GLN A 133 15.17 18.64 -21.47
C GLN A 133 15.95 17.38 -21.84
N LEU A 134 15.44 16.22 -21.46
CA LEU A 134 16.16 14.98 -21.70
C LEU A 134 15.99 14.51 -23.13
N PHE A 135 14.93 14.94 -23.80
CA PHE A 135 14.66 14.54 -25.18
C PHE A 135 14.84 15.69 -26.14
N SER A 136 15.51 16.74 -25.69
CA SER A 136 15.68 17.93 -26.49
C SER A 136 16.93 17.82 -27.33
N ASN A 137 17.07 18.75 -28.25
CA ASN A 137 18.26 18.79 -29.10
C ASN A 137 18.31 17.46 -29.86
N SER A 138 19.50 16.90 -30.09
CA SER A 138 19.64 15.62 -30.78
C SER A 138 19.99 14.50 -29.79
N ALA A 139 19.16 14.43 -28.76
CA ALA A 139 19.27 13.33 -27.81
C ALA A 139 19.21 11.99 -28.54
N LYS A 140 20.03 11.05 -28.09
CA LYS A 140 20.05 9.70 -28.65
C LYS A 140 19.26 8.79 -27.75
N ILE A 141 18.40 7.99 -28.34
CA ILE A 141 17.61 7.04 -27.59
C ILE A 141 17.68 5.72 -28.34
N GLU A 142 17.65 4.62 -27.59
CA GLU A 142 17.74 3.28 -28.16
C GLU A 142 16.52 2.49 -27.73
N ALA A 143 15.88 1.81 -28.66
CA ALA A 143 14.70 0.99 -28.36
C ALA A 143 14.93 -0.44 -28.80
N ILE A 144 14.71 -1.40 -27.91
CA ILE A 144 14.70 -2.79 -28.36
C ILE A 144 13.33 -3.43 -28.06
N ALA A 145 12.98 -4.40 -28.88
CA ALA A 145 11.76 -5.17 -28.74
C ALA A 145 12.10 -6.65 -28.92
N THR A 146 11.16 -7.50 -28.57
CA THR A 146 11.29 -8.92 -28.86
C THR A 146 10.59 -9.21 -30.18
N TYR A 147 10.89 -10.38 -30.74
CA TYR A 147 10.38 -10.77 -32.05
C TYR A 147 8.84 -10.89 -32.10
N VAL A 148 8.15 -10.86 -30.97
CA VAL A 148 6.69 -10.97 -30.98
C VAL A 148 6.06 -9.70 -31.54
N PRO A 149 5.32 -9.76 -32.66
CA PRO A 149 4.89 -8.52 -33.32
C PRO A 149 4.21 -7.52 -32.41
N ARG A 150 3.37 -8.00 -31.50
CA ARG A 150 2.64 -7.06 -30.64
C ARG A 150 3.58 -6.18 -29.82
N SER A 151 4.78 -6.64 -29.50
CA SER A 151 5.67 -5.77 -28.75
C SER A 151 6.63 -5.01 -29.63
N ILE A 152 6.69 -5.36 -30.93
CA ILE A 152 7.31 -4.50 -31.93
C ILE A 152 6.40 -3.31 -32.26
N ASN A 153 5.11 -3.56 -32.46
CA ASN A 153 4.13 -2.48 -32.62
C ASN A 153 4.13 -1.53 -31.42
N SER A 154 4.11 -2.07 -30.20
CA SER A 154 4.21 -1.24 -29.00
C SER A 154 5.38 -0.27 -29.09
N MET A 155 6.59 -0.80 -29.30
CA MET A 155 7.74 0.02 -29.65
C MET A 155 7.41 1.09 -30.69
N ASP A 156 7.02 0.66 -31.89
CA ASP A 156 6.60 1.58 -32.94
C ASP A 156 5.69 2.71 -32.45
N ALA A 157 4.70 2.39 -31.63
CA ALA A 157 3.79 3.44 -31.17
C ALA A 157 4.50 4.42 -30.25
N PHE A 158 5.18 3.89 -29.22
CA PHE A 158 6.02 4.73 -28.37
C PHE A 158 6.92 5.63 -29.21
N LEU A 159 7.71 5.03 -30.11
CA LEU A 159 8.77 5.73 -30.82
C LEU A 159 8.21 6.78 -31.79
N SER A 160 7.05 6.51 -32.37
CA SER A 160 6.51 7.45 -33.34
C SER A 160 6.08 8.73 -32.65
N CYS A 161 5.51 8.61 -31.45
CA CYS A 161 5.20 9.81 -30.68
C CYS A 161 6.46 10.57 -30.36
N MET A 162 7.54 9.86 -30.02
CA MET A 162 8.79 10.51 -29.64
C MET A 162 9.40 11.26 -30.81
N ILE A 163 9.33 10.67 -32.00
CA ILE A 163 9.83 11.33 -33.21
C ILE A 163 8.89 12.46 -33.64
N ARG A 164 7.57 12.25 -33.52
CA ARG A 164 6.63 13.34 -33.74
C ARG A 164 7.03 14.58 -32.94
N HIS A 165 7.22 14.43 -31.63
CA HIS A 165 7.47 15.61 -30.80
C HIS A 165 8.86 16.19 -31.03
N ASN A 166 9.86 15.36 -31.30
CA ASN A 166 11.19 15.88 -31.59
C ASN A 166 11.78 15.07 -32.74
N PRO A 167 11.57 15.52 -33.99
CA PRO A 167 12.17 14.83 -35.14
C PRO A 167 13.67 14.82 -35.13
N ALA A 168 14.32 15.68 -34.35
CA ALA A 168 15.78 15.69 -34.33
C ALA A 168 16.36 14.58 -33.47
N LEU A 169 15.52 13.80 -32.80
CA LEU A 169 15.99 12.68 -32.01
C LEU A 169 16.85 11.74 -32.86
N GLN A 170 18.01 11.39 -32.34
CA GLN A 170 18.75 10.25 -32.87
C GLN A 170 18.11 8.99 -32.31
N VAL A 171 17.66 8.11 -33.18
CA VAL A 171 16.91 6.93 -32.76
C VAL A 171 17.57 5.67 -33.31
N GLN A 172 17.78 4.69 -32.45
CA GLN A 172 18.17 3.35 -32.86
C GLN A 172 17.08 2.37 -32.50
N ARG A 173 16.65 1.56 -33.45
CA ARG A 173 15.48 0.72 -33.25
C ARG A 173 15.81 -0.69 -33.69
N SER A 174 15.76 -1.66 -32.78
CA SER A 174 16.07 -3.03 -33.16
C SER A 174 15.19 -3.99 -32.37
N GLU A 175 15.12 -5.22 -32.87
CA GLU A 175 14.31 -6.26 -32.24
C GLU A 175 14.63 -7.58 -32.93
N GLY A 176 14.18 -8.67 -32.32
CA GLY A 176 14.42 -10.00 -32.83
C GLY A 176 14.88 -10.95 -31.76
N LYS A 177 15.16 -12.19 -32.18
CA LYS A 177 15.57 -13.23 -31.26
C LYS A 177 16.87 -12.90 -30.55
N GLN A 178 17.68 -12.00 -31.12
CA GLN A 178 18.87 -11.50 -30.46
C GLN A 178 18.66 -11.04 -29.02
N TYR A 179 17.44 -10.67 -28.61
CA TYR A 179 17.20 -10.15 -27.26
C TYR A 179 16.57 -11.18 -26.37
N ASN A 180 16.38 -12.40 -26.87
CA ASN A 180 15.82 -13.46 -26.06
C ASN A 180 16.50 -13.62 -24.71
N HIS A 181 17.79 -13.36 -24.64
CA HIS A 181 18.45 -13.62 -23.37
C HIS A 181 17.98 -12.64 -22.30
N ILE A 182 17.56 -11.44 -22.68
CA ILE A 182 17.13 -10.45 -21.69
C ILE A 182 15.63 -10.15 -21.73
N LEU A 183 14.95 -10.44 -22.84
CA LEU A 183 13.53 -10.14 -22.92
C LEU A 183 12.65 -11.38 -22.93
N ARG A 184 13.21 -12.56 -23.12
CA ARG A 184 12.39 -13.76 -23.10
C ARG A 184 13.07 -14.87 -22.29
N PHE A 185 13.62 -14.53 -21.12
CA PHE A 185 14.35 -15.52 -20.32
C PHE A 185 13.44 -16.66 -19.86
N PHE A 186 12.14 -16.39 -19.70
CA PHE A 186 11.16 -17.42 -19.31
C PHE A 186 10.97 -18.49 -20.36
N ASP A 187 11.68 -18.41 -21.48
CA ASP A 187 11.72 -19.48 -22.47
C ASP A 187 13.06 -20.23 -22.52
N LEU A 188 14.17 -19.57 -22.18
CA LEU A 188 15.49 -20.17 -22.33
C LEU A 188 15.85 -21.11 -21.18
N ASN A 189 15.41 -20.81 -19.96
CA ASN A 189 15.75 -21.66 -18.84
C ASN A 189 15.00 -23.00 -18.91
N LYS A 190 15.75 -24.09 -18.97
CA LYS A 190 15.15 -25.41 -19.03
C LYS A 190 14.42 -25.76 -17.73
N SER A 191 15.00 -25.39 -16.58
CA SER A 191 14.37 -25.71 -15.31
C SER A 191 13.11 -24.90 -15.12
N TYR A 192 13.14 -23.61 -15.46
CA TYR A 192 11.95 -22.81 -15.35
C TYR A 192 10.82 -23.38 -16.20
N VAL A 193 11.11 -23.78 -17.44
CA VAL A 193 10.02 -24.26 -18.31
C VAL A 193 9.36 -25.49 -17.69
N ASN A 194 10.18 -26.45 -17.24
CA ASN A 194 9.62 -27.62 -16.55
C ASN A 194 8.68 -27.18 -15.45
N TYR A 195 9.16 -26.28 -14.60
CA TYR A 195 8.33 -25.78 -13.50
C TYR A 195 7.04 -25.14 -14.01
N LYS A 196 7.14 -24.32 -15.06
CA LYS A 196 5.98 -23.63 -15.60
C LYS A 196 4.95 -24.57 -16.22
N GLU A 197 5.33 -25.77 -16.58
CA GLU A 197 4.40 -26.65 -17.26
C GLU A 197 3.93 -27.82 -16.42
N LYS A 198 4.63 -28.16 -15.34
CA LYS A 198 4.29 -29.35 -14.58
C LYS A 198 4.82 -29.25 -13.17
N GLY A 199 5.29 -28.06 -12.79
CA GLY A 199 5.78 -27.83 -11.46
C GLY A 199 4.68 -27.97 -10.44
N ASP A 200 5.08 -27.76 -9.18
CA ASP A 200 4.27 -28.07 -7.98
C ASP A 200 3.32 -26.95 -7.58
N TRP A 201 3.30 -25.85 -8.31
CA TRP A 201 2.26 -24.86 -8.16
C TRP A 201 0.95 -25.31 -8.79
N LEU A 202 1.00 -26.30 -9.71
CA LEU A 202 -0.20 -26.69 -10.45
C LEU A 202 -1.25 -27.28 -9.53
N PRO A 203 -0.95 -28.29 -8.70
CA PRO A 203 -1.99 -28.80 -7.78
C PRO A 203 -2.53 -27.72 -6.85
N ILE A 204 -1.64 -26.95 -6.23
CA ILE A 204 -2.06 -25.80 -5.41
C ILE A 204 -3.11 -24.99 -6.15
N TYR A 205 -2.77 -24.58 -7.37
CA TYR A 205 -3.68 -23.75 -8.16
C TYR A 205 -5.00 -24.49 -8.43
N LYS A 206 -4.90 -25.73 -8.89
CA LYS A 206 -6.09 -26.47 -9.28
C LYS A 206 -7.06 -26.64 -8.12
N ALA A 207 -6.55 -26.68 -6.89
CA ALA A 207 -7.43 -26.80 -5.74
C ALA A 207 -7.91 -25.45 -5.25
N PHE A 208 -7.15 -24.39 -5.51
CA PHE A 208 -7.65 -23.06 -5.23
C PHE A 208 -8.84 -22.71 -6.12
N VAL A 209 -8.75 -23.04 -7.40
CA VAL A 209 -9.85 -22.77 -8.32
C VAL A 209 -11.07 -23.57 -7.90
N HIS A 210 -10.85 -24.79 -7.41
CA HIS A 210 -11.95 -25.63 -6.98
C HIS A 210 -12.70 -25.00 -5.81
N LYS A 211 -11.98 -24.40 -4.87
CA LYS A 211 -12.62 -23.81 -3.71
C LYS A 211 -13.23 -22.45 -4.05
N LYS A 212 -12.54 -21.62 -4.84
CA LYS A 212 -12.94 -20.23 -5.06
C LYS A 212 -14.04 -20.09 -6.13
N ILE A 213 -13.96 -20.88 -7.21
CA ILE A 213 -14.89 -20.78 -8.35
C ILE A 213 -16.02 -21.78 -8.16
N SER A 214 -17.26 -21.29 -8.09
CA SER A 214 -18.46 -22.11 -7.97
C SER A 214 -19.29 -22.00 -9.23
N PRO A 215 -19.15 -22.94 -10.20
CA PRO A 215 -19.79 -22.78 -11.52
C PRO A 215 -21.31 -22.65 -11.53
N VAL A 216 -22.05 -23.62 -11.00
CA VAL A 216 -23.48 -23.72 -11.32
C VAL A 216 -24.28 -22.44 -11.06
N PRO A 217 -23.90 -21.57 -10.11
CA PRO A 217 -24.53 -20.24 -10.06
C PRO A 217 -24.22 -19.35 -11.26
N ILE A 218 -23.15 -19.62 -12.01
CA ILE A 218 -22.75 -18.79 -13.13
C ILE A 218 -23.36 -19.32 -14.42
N MET A 219 -23.48 -20.65 -14.51
CA MET A 219 -24.13 -21.26 -15.66
C MET A 219 -25.64 -21.39 -15.51
N LYS A 220 -26.20 -21.17 -14.30
CA LYS A 220 -27.64 -21.11 -14.19
C LYS A 220 -28.20 -20.06 -15.15
N LYS A 221 -27.38 -19.03 -15.46
CA LYS A 221 -27.82 -17.91 -16.30
C LYS A 221 -27.89 -18.28 -17.78
N PHE A 222 -27.06 -19.21 -18.22
CA PHE A 222 -26.94 -19.53 -19.64
C PHE A 222 -27.50 -20.89 -20.04
N LEU A 223 -27.60 -21.85 -19.13
CA LEU A 223 -28.00 -23.21 -19.49
C LEU A 223 -29.11 -23.69 -18.57
N LEU A 224 -30.02 -24.50 -19.14
CA LEU A 224 -31.00 -25.24 -18.37
C LEU A 224 -30.36 -26.53 -17.86
N ASN A 225 -30.80 -26.95 -16.68
CA ASN A 225 -30.20 -28.05 -15.92
C ASN A 225 -28.68 -27.87 -15.93
N PRO A 226 -28.15 -26.78 -15.38
CA PRO A 226 -26.68 -26.62 -15.36
C PRO A 226 -25.99 -27.59 -14.40
N GLU A 227 -26.74 -28.25 -13.52
CA GLU A 227 -26.18 -29.17 -12.53
C GLU A 227 -26.06 -30.60 -13.05
N GLN A 228 -26.40 -30.84 -14.33
CA GLN A 228 -26.01 -32.06 -15.03
C GLN A 228 -24.56 -32.03 -15.48
N TYR A 229 -23.97 -30.85 -15.62
CA TYR A 229 -22.62 -30.74 -16.16
C TYR A 229 -21.60 -31.23 -15.14
N LEU A 230 -20.77 -32.18 -15.55
CA LEU A 230 -19.68 -32.62 -14.70
C LEU A 230 -18.85 -31.45 -14.25
N ASP A 231 -18.52 -31.45 -12.96
CA ASP A 231 -17.76 -30.37 -12.35
C ASP A 231 -16.54 -29.98 -13.17
N LYS A 232 -15.81 -30.96 -13.71
CA LYS A 232 -14.63 -30.66 -14.51
C LYS A 232 -14.97 -29.77 -15.70
N GLU A 233 -15.95 -30.20 -16.51
CA GLU A 233 -16.34 -29.40 -17.66
C GLU A 233 -17.01 -28.09 -17.24
N ALA A 234 -17.75 -28.10 -16.13
CA ALA A 234 -18.35 -26.85 -15.67
C ALA A 234 -17.30 -25.79 -15.39
N GLU A 235 -16.18 -26.18 -14.78
CA GLU A 235 -15.15 -25.19 -14.48
C GLU A 235 -14.40 -24.80 -15.74
N GLU A 236 -14.14 -25.76 -16.64
CA GLU A 236 -13.41 -25.42 -17.86
C GLU A 236 -14.14 -24.38 -18.70
N PHE A 237 -15.48 -24.40 -18.67
CA PHE A 237 -16.28 -23.44 -19.42
C PHE A 237 -16.38 -22.10 -18.71
N VAL A 238 -16.51 -22.10 -17.40
CA VAL A 238 -16.60 -20.82 -16.72
C VAL A 238 -15.23 -20.15 -16.70
N MET A 239 -14.17 -20.93 -16.53
CA MET A 239 -12.82 -20.41 -16.73
C MET A 239 -12.67 -19.80 -18.11
N ALA A 240 -12.96 -20.59 -19.15
CA ALA A 240 -12.85 -20.07 -20.51
C ALA A 240 -13.68 -18.80 -20.68
N LEU A 241 -14.85 -18.76 -20.05
CA LEU A 241 -15.77 -17.66 -20.31
C LEU A 241 -15.36 -16.39 -19.57
N PHE A 242 -14.90 -16.48 -18.31
CA PHE A 242 -14.17 -15.37 -17.68
C PHE A 242 -13.05 -14.84 -18.57
N SER A 243 -12.19 -15.75 -19.03
CA SER A 243 -11.04 -15.38 -19.83
C SER A 243 -11.45 -14.58 -21.08
N VAL A 244 -12.65 -14.84 -21.61
CA VAL A 244 -13.11 -14.09 -22.78
C VAL A 244 -13.55 -12.69 -22.36
N ALA A 245 -14.27 -12.57 -21.24
CA ALA A 245 -14.71 -11.25 -20.81
C ALA A 245 -13.56 -10.46 -20.19
N ALA A 246 -12.53 -11.13 -19.71
CA ALA A 246 -11.36 -10.40 -19.21
C ALA A 246 -10.65 -9.65 -20.33
N ILE A 247 -10.57 -10.21 -21.54
CA ILE A 247 -9.69 -9.65 -22.56
C ILE A 247 -10.35 -8.61 -23.47
N LEU A 248 -11.62 -8.77 -23.74
CA LEU A 248 -12.45 -7.89 -24.54
C LEU A 248 -12.25 -6.38 -24.28
N PRO A 249 -12.04 -5.93 -23.02
CA PRO A 249 -11.73 -4.51 -22.81
C PRO A 249 -10.36 -4.06 -23.36
N ASP A 250 -9.48 -4.99 -23.76
CA ASP A 250 -8.19 -4.66 -24.36
C ASP A 250 -8.21 -4.65 -25.87
N THR A 251 -9.27 -5.17 -26.47
CA THR A 251 -9.33 -5.36 -27.91
C THR A 251 -9.90 -4.15 -28.64
N SER A 252 -10.40 -3.14 -27.94
CA SER A 252 -11.03 -1.98 -28.59
C SER A 252 -12.26 -2.38 -29.39
N ILE A 253 -12.90 -3.49 -29.01
CA ILE A 253 -14.09 -3.99 -29.69
C ILE A 253 -15.31 -3.55 -28.89
N PRO A 254 -16.06 -2.55 -29.34
CA PRO A 254 -17.08 -1.92 -28.47
C PRO A 254 -18.12 -2.89 -27.89
N LEU A 255 -17.73 -3.87 -27.08
CA LEU A 255 -18.63 -4.96 -26.74
C LEU A 255 -18.32 -5.42 -25.31
N ASN A 256 -19.06 -4.91 -24.34
CA ASN A 256 -18.79 -5.24 -22.95
C ASN A 256 -19.22 -6.67 -22.61
N LEU A 257 -18.73 -7.16 -21.47
CA LEU A 257 -19.14 -8.49 -20.99
C LEU A 257 -18.89 -8.68 -19.50
N GLU A 258 -18.72 -7.61 -18.72
CA GLU A 258 -18.57 -7.76 -17.28
C GLU A 258 -19.86 -8.24 -16.63
N ASP A 259 -21.02 -7.82 -17.15
CA ASP A 259 -22.29 -8.20 -16.53
C ASP A 259 -22.60 -9.68 -16.66
N LEU A 260 -21.77 -10.43 -17.38
CA LEU A 260 -21.92 -11.88 -17.37
C LEU A 260 -21.67 -12.44 -15.98
N PHE A 261 -20.83 -11.77 -15.18
CA PHE A 261 -20.51 -12.23 -13.85
C PHE A 261 -20.76 -11.13 -12.84
N THR A 262 -21.30 -11.52 -11.69
CA THR A 262 -21.33 -10.64 -10.54
C THR A 262 -19.91 -10.22 -10.12
N LEU A 263 -19.88 -9.11 -9.38
CA LEU A 263 -18.61 -8.62 -8.86
C LEU A 263 -17.93 -9.63 -7.95
N ASP A 264 -18.71 -10.51 -7.32
CA ASP A 264 -18.13 -11.53 -6.45
C ASP A 264 -17.48 -12.63 -7.27
N GLU A 265 -18.09 -12.97 -8.42
CA GLU A 265 -17.46 -13.94 -9.31
C GLU A 265 -16.16 -13.39 -9.90
N TRP A 266 -16.12 -12.07 -10.18
CA TRP A 266 -14.93 -11.44 -10.72
C TRP A 266 -13.80 -11.42 -9.68
N HIS A 267 -14.11 -10.99 -8.46
CA HIS A 267 -13.18 -11.15 -7.35
C HIS A 267 -12.65 -12.58 -7.27
N ARG A 268 -13.55 -13.53 -7.05
CA ARG A 268 -13.11 -14.90 -6.86
C ARG A 268 -12.26 -15.34 -8.03
N TYR A 269 -12.63 -14.93 -9.25
CA TYR A 269 -11.86 -15.29 -10.42
C TYR A 269 -10.52 -14.58 -10.45
N TRP A 270 -10.50 -13.31 -10.07
CA TRP A 270 -9.24 -12.60 -10.05
C TRP A 270 -8.26 -13.29 -9.11
N GLN A 271 -8.73 -13.72 -7.92
CA GLN A 271 -7.86 -14.35 -6.95
C GLN A 271 -7.20 -15.60 -7.49
N THR A 272 -7.95 -16.40 -8.25
CA THR A 272 -7.38 -17.56 -8.90
C THR A 272 -6.33 -17.17 -9.94
N GLN A 273 -6.60 -16.13 -10.72
CA GLN A 273 -5.63 -15.72 -11.73
C GLN A 273 -4.46 -15.02 -11.07
N ASN A 274 -4.72 -14.33 -9.96
CA ASN A 274 -3.64 -13.71 -9.22
C ASN A 274 -2.73 -14.75 -8.58
N LEU A 275 -3.29 -15.86 -8.09
CA LEU A 275 -2.46 -16.90 -7.50
C LEU A 275 -1.58 -17.53 -8.57
N ARG A 276 -2.20 -17.89 -9.71
CA ARG A 276 -1.49 -18.48 -10.84
C ARG A 276 -0.33 -17.62 -11.31
N GLN A 277 -0.56 -16.30 -11.49
CA GLN A 277 0.52 -15.42 -11.94
C GLN A 277 1.64 -15.39 -10.91
N TYR A 278 1.28 -15.10 -9.65
CA TYR A 278 2.26 -15.08 -8.56
C TYR A 278 3.08 -16.35 -8.53
N MET A 279 2.39 -17.49 -8.49
CA MET A 279 3.02 -18.76 -8.17
C MET A 279 3.85 -19.35 -9.29
N SER A 280 3.59 -18.98 -10.53
CA SER A 280 4.33 -19.49 -11.67
C SER A 280 5.21 -18.44 -12.31
N LYS A 281 5.09 -17.18 -11.92
CA LYS A 281 5.84 -16.13 -12.55
C LYS A 281 6.60 -15.29 -11.53
N SER A 282 6.33 -15.43 -10.24
CA SER A 282 6.93 -14.56 -9.23
C SER A 282 7.44 -15.36 -8.04
N SER A 283 7.29 -14.83 -6.83
CA SER A 283 8.18 -15.24 -5.75
C SER A 283 7.50 -16.11 -4.72
N ALA A 284 6.51 -16.88 -5.16
CA ALA A 284 5.82 -17.78 -4.25
C ALA A 284 6.80 -18.82 -3.71
N PRO A 285 6.71 -19.18 -2.42
CA PRO A 285 7.59 -20.23 -1.88
C PRO A 285 7.63 -21.50 -2.71
N VAL A 286 6.48 -21.91 -3.25
CA VAL A 286 6.43 -23.17 -4.00
C VAL A 286 7.47 -23.19 -5.10
N GLY A 287 7.78 -22.03 -5.67
CA GLY A 287 8.66 -21.91 -6.81
C GLY A 287 10.10 -21.65 -6.45
N LYS A 288 10.42 -21.52 -5.16
CA LYS A 288 11.79 -21.47 -4.67
C LYS A 288 12.60 -20.36 -5.32
N MET A 289 11.96 -19.23 -5.64
CA MET A 289 12.61 -18.07 -6.21
C MET A 289 13.08 -18.31 -7.65
N LEU A 290 13.05 -19.54 -8.14
CA LEU A 290 13.37 -19.80 -9.55
C LEU A 290 12.58 -18.95 -10.55
N PRO A 291 11.27 -18.71 -10.41
CA PRO A 291 10.61 -17.83 -11.38
C PRO A 291 11.24 -16.45 -11.40
N VAL A 292 11.78 -16.03 -10.28
CA VAL A 292 12.40 -14.72 -10.16
C VAL A 292 13.86 -14.76 -10.61
N ALA A 293 14.59 -15.82 -10.25
CA ALA A 293 16.04 -15.81 -10.49
C ALA A 293 16.34 -15.68 -11.98
N ILE A 294 15.59 -16.38 -12.83
CA ILE A 294 15.82 -16.37 -14.27
C ILE A 294 15.80 -14.99 -14.89
N ALA A 295 15.45 -13.94 -14.15
CA ALA A 295 15.45 -12.58 -14.68
C ALA A 295 16.75 -11.82 -14.45
N TRP A 296 17.80 -12.44 -13.92
CA TRP A 296 18.97 -11.62 -13.59
C TRP A 296 19.69 -11.07 -14.82
N PRO A 297 19.67 -11.76 -15.97
CA PRO A 297 20.27 -11.15 -17.16
C PRO A 297 19.65 -9.82 -17.49
N LEU A 298 18.33 -9.71 -17.33
CA LEU A 298 17.69 -8.43 -17.60
C LEU A 298 18.21 -7.37 -16.63
N LEU A 299 18.20 -7.66 -15.34
CA LEU A 299 18.69 -6.71 -14.34
C LEU A 299 20.16 -6.37 -14.56
N SER A 300 21.00 -7.39 -14.72
CA SER A 300 22.40 -7.11 -14.98
C SER A 300 22.56 -6.13 -16.13
N GLU A 301 21.78 -6.27 -17.22
CA GLU A 301 21.93 -5.36 -18.38
C GLU A 301 21.36 -3.97 -18.11
N PHE A 302 20.33 -3.84 -17.28
CA PHE A 302 19.89 -2.52 -16.84
C PHE A 302 21.05 -1.77 -16.22
N ILE A 303 21.67 -2.37 -15.19
CA ILE A 303 22.79 -1.73 -14.51
C ILE A 303 23.89 -1.39 -15.50
N ARG A 304 24.17 -2.29 -16.43
CA ARG A 304 25.27 -2.04 -17.37
C ARG A 304 24.97 -0.82 -18.24
N SER A 305 23.85 -0.85 -18.95
CA SER A 305 23.44 0.32 -19.71
C SER A 305 23.46 1.59 -18.87
N ALA A 306 23.18 1.51 -17.58
CA ALA A 306 23.22 2.71 -16.74
C ALA A 306 24.66 3.06 -16.35
N GLN A 307 25.50 2.05 -16.10
CA GLN A 307 26.89 2.31 -15.81
C GLN A 307 27.58 2.95 -17.00
N GLU A 308 27.23 2.52 -18.20
CA GLU A 308 27.87 3.06 -19.40
C GLU A 308 27.48 4.52 -19.60
N VAL A 309 26.18 4.81 -19.55
CA VAL A 309 25.74 6.20 -19.65
C VAL A 309 26.40 7.04 -18.57
N ILE A 310 26.42 6.52 -17.34
CA ILE A 310 26.96 7.27 -16.21
C ILE A 310 28.45 7.48 -16.35
N SER A 311 29.15 6.48 -16.90
CA SER A 311 30.59 6.54 -17.04
C SER A 311 31.02 7.43 -18.19
N GLY A 312 30.11 7.71 -19.12
CA GLY A 312 30.45 8.36 -20.37
C GLY A 312 30.76 7.42 -21.52
N LYS A 313 30.90 6.11 -21.24
CA LYS A 313 31.16 5.11 -22.28
C LYS A 313 30.09 5.19 -23.37
N SER A 314 28.84 4.97 -23.00
CA SER A 314 27.76 5.32 -23.90
C SER A 314 27.28 6.75 -23.63
N ASP A 315 26.49 7.28 -24.55
CA ASP A 315 25.91 8.59 -24.28
C ASP A 315 24.44 8.62 -24.67
N TYR A 316 23.74 7.51 -24.47
CA TYR A 316 22.31 7.51 -24.75
C TYR A 316 21.59 8.44 -23.80
N GLN A 317 20.48 9.02 -24.26
CA GLN A 317 19.58 9.66 -23.31
C GLN A 317 18.66 8.66 -22.66
N ALA A 318 18.33 7.56 -23.35
CA ALA A 318 17.31 6.64 -22.88
C ALA A 318 17.48 5.31 -23.57
N ASN A 319 17.32 4.23 -22.81
CA ASN A 319 17.11 2.90 -23.34
C ASN A 319 15.67 2.50 -23.09
N PHE A 320 15.03 1.90 -24.10
CA PHE A 320 13.70 1.35 -24.00
C PHE A 320 13.72 -0.12 -24.38
N ARG A 321 12.79 -0.88 -23.79
CA ARG A 321 12.73 -2.31 -24.04
C ARG A 321 11.27 -2.76 -23.92
N PHE A 322 10.81 -3.48 -24.92
CA PHE A 322 9.40 -3.82 -25.01
C PHE A 322 9.32 -5.33 -25.05
N ALA A 323 8.71 -5.89 -24.03
CA ALA A 323 8.58 -7.32 -23.87
C ALA A 323 7.18 -7.65 -23.36
N HIS A 324 7.12 -8.34 -22.25
CA HIS A 324 5.96 -9.14 -21.92
C HIS A 324 5.82 -9.14 -20.42
N ALA A 325 4.62 -9.48 -19.93
CA ALA A 325 4.41 -9.58 -18.48
C ALA A 325 5.34 -10.61 -17.85
N ASN A 326 5.56 -11.73 -18.54
CA ASN A 326 6.52 -12.75 -18.12
C ASN A 326 7.91 -12.19 -17.96
N THR A 327 8.16 -10.97 -18.46
CA THR A 327 9.40 -10.22 -18.32
C THR A 327 9.36 -9.24 -17.15
N VAL A 328 8.23 -8.53 -17.02
CA VAL A 328 8.08 -7.48 -16.02
C VAL A 328 7.88 -8.10 -14.64
N ILE A 329 7.07 -9.15 -14.56
CA ILE A 329 6.74 -9.77 -13.28
C ILE A 329 8.03 -10.15 -12.56
N PRO A 330 8.79 -11.14 -13.06
CA PRO A 330 10.03 -11.53 -12.36
C PRO A 330 11.07 -10.41 -12.27
N PHE A 331 11.16 -9.51 -13.25
CA PHE A 331 12.13 -8.43 -13.18
C PHE A 331 11.84 -7.49 -12.00
N VAL A 332 10.56 -7.15 -11.79
CA VAL A 332 10.16 -6.30 -10.67
C VAL A 332 10.43 -7.01 -9.36
N SER A 333 10.02 -8.28 -9.27
CA SER A 333 10.23 -9.01 -8.03
C SER A 333 11.71 -9.12 -7.73
N LEU A 334 12.52 -9.37 -8.76
CA LEU A 334 13.96 -9.47 -8.55
C LEU A 334 14.53 -8.14 -8.09
N MET A 335 14.03 -7.00 -8.59
CA MET A 335 14.53 -5.74 -8.02
C MET A 335 14.15 -5.60 -6.56
N GLY A 336 13.15 -6.34 -6.11
CA GLY A 336 12.72 -6.21 -4.73
C GLY A 336 11.91 -4.97 -4.49
N ILE A 337 11.33 -4.41 -5.55
CA ILE A 337 10.40 -3.30 -5.38
C ILE A 337 9.34 -3.72 -4.36
N GLU A 338 8.84 -2.76 -3.60
CA GLU A 338 8.30 -3.05 -2.28
C GLU A 338 7.11 -3.99 -2.39
N LYS A 339 7.19 -5.10 -1.65
CA LYS A 339 6.16 -6.13 -1.55
CA LYS A 339 6.12 -6.09 -1.56
C LYS A 339 5.89 -6.85 -2.86
N THR A 340 6.51 -6.42 -3.97
CA THR A 340 6.38 -7.16 -5.23
C THR A 340 7.14 -8.50 -5.24
N ASP A 341 7.85 -8.81 -4.15
CA ASP A 341 8.63 -10.03 -4.01
C ASP A 341 8.39 -10.69 -2.66
N VAL A 342 7.28 -10.34 -2.00
CA VAL A 342 6.92 -11.03 -0.77
C VAL A 342 6.90 -12.51 -1.11
N GLN A 343 7.24 -13.35 -0.14
CA GLN A 343 7.21 -14.79 -0.32
C GLN A 343 6.13 -15.29 0.62
N VAL A 344 4.95 -15.52 0.08
CA VAL A 344 3.77 -15.75 0.90
C VAL A 344 3.59 -17.23 1.09
N CYS A 345 3.58 -17.65 2.36
CA CYS A 345 3.51 -19.05 2.70
C CYS A 345 2.17 -19.67 2.27
N ARG A 346 1.06 -19.03 2.64
CA ARG A 346 -0.27 -19.63 2.52
C ARG A 346 -1.01 -19.09 1.31
N PRO A 347 -1.55 -19.96 0.46
CA PRO A 347 -2.03 -19.47 -0.84
C PRO A 347 -3.23 -18.56 -0.72
N ASP A 348 -4.12 -18.78 0.23
CA ASP A 348 -5.28 -17.91 0.38
C ASP A 348 -4.91 -16.48 0.76
N SER A 349 -3.66 -16.24 1.18
CA SER A 349 -3.23 -14.92 1.61
C SER A 349 -2.57 -14.12 0.51
N VAL A 350 -2.39 -14.72 -0.67
CA VAL A 350 -1.54 -14.08 -1.68
C VAL A 350 -2.20 -12.82 -2.21
N SER A 351 -3.53 -12.82 -2.31
CA SER A 351 -4.21 -11.66 -2.90
C SER A 351 -4.05 -10.43 -2.04
N VAL A 352 -3.93 -10.61 -0.72
CA VAL A 352 -3.78 -9.49 0.20
C VAL A 352 -2.44 -8.79 0.02
N TYR A 353 -1.38 -9.55 -0.28
CA TYR A 353 -0.02 -9.02 -0.22
C TYR A 353 0.64 -8.84 -1.57
N TRP A 354 0.03 -9.33 -2.65
CA TRP A 354 0.63 -9.27 -3.98
C TRP A 354 -0.49 -9.22 -4.99
N LYS A 355 -0.58 -8.12 -5.74
CA LYS A 355 -1.66 -7.85 -6.69
C LYS A 355 -1.06 -7.64 -8.07
N ASP A 356 -1.33 -8.56 -9.00
CA ASP A 356 -0.76 -8.48 -10.34
C ASP A 356 -1.27 -7.28 -11.15
N TYR A 357 -2.45 -6.74 -10.85
CA TYR A 357 -2.88 -5.56 -11.61
C TYR A 357 -2.13 -4.32 -11.19
N GLU A 358 -1.60 -4.27 -9.98
CA GLU A 358 -0.68 -3.20 -9.65
C GLU A 358 0.70 -3.37 -10.28
N ILE A 359 1.09 -4.59 -10.64
CA ILE A 359 2.44 -4.83 -11.16
C ILE A 359 2.46 -4.91 -12.67
N SER A 360 1.60 -5.74 -13.25
CA SER A 360 1.65 -6.05 -14.69
C SER A 360 0.29 -5.84 -15.31
N PRO A 361 -0.19 -4.61 -15.34
CA PRO A 361 -1.30 -4.29 -16.23
C PRO A 361 -0.82 -4.32 -17.67
N MET A 362 -1.77 -4.21 -18.61
CA MET A 362 -1.42 -3.98 -20.00
C MET A 362 -0.47 -2.78 -20.09
N ALA A 363 0.62 -2.95 -20.85
CA ALA A 363 1.64 -1.91 -21.01
C ALA A 363 2.25 -1.49 -19.66
N ALA A 364 2.29 -2.42 -18.72
CA ALA A 364 3.03 -2.20 -17.48
C ALA A 364 4.47 -1.79 -17.76
N ASN A 365 5.02 -0.91 -16.92
CA ASN A 365 6.35 -0.48 -17.27
C ASN A 365 7.12 0.01 -16.04
N VAL A 366 8.44 -0.14 -16.14
CA VAL A 366 9.43 0.23 -15.14
C VAL A 366 10.29 1.32 -15.75
N GLN A 367 10.50 2.41 -15.02
CA GLN A 367 11.48 3.40 -15.45
C GLN A 367 12.42 3.72 -14.31
N TRP A 368 13.71 3.67 -14.61
CA TRP A 368 14.77 4.26 -13.78
C TRP A 368 15.16 5.59 -14.41
N LEU A 369 14.94 6.67 -13.68
CA LEU A 369 15.39 7.99 -14.09
C LEU A 369 16.58 8.40 -13.24
N PHE A 370 17.64 8.87 -13.89
CA PHE A 370 18.89 9.15 -13.22
C PHE A 370 19.10 10.66 -13.12
N TYR A 371 19.41 11.12 -11.92
CA TYR A 371 19.70 12.54 -11.71
C TYR A 371 21.14 12.72 -11.23
N ARG A 372 21.69 13.89 -11.52
CA ARG A 372 23.05 14.23 -11.13
C ARG A 372 22.99 15.55 -10.38
N ASP A 373 23.14 15.50 -9.05
CA ASP A 373 22.94 16.71 -8.24
C ASP A 373 24.14 17.66 -8.27
N ARG A 374 24.20 18.60 -7.32
CA ARG A 374 25.23 19.65 -7.39
C ARG A 374 26.59 19.16 -6.91
N ASP A 375 26.63 18.18 -6.01
CA ASP A 375 27.88 17.53 -5.64
C ASP A 375 28.31 16.46 -6.65
N GLN A 376 27.51 16.24 -7.71
CA GLN A 376 27.74 15.23 -8.75
C GLN A 376 27.44 13.82 -8.28
N ARG A 377 26.84 13.64 -7.11
CA ARG A 377 26.30 12.33 -6.79
C ARG A 377 25.15 12.00 -7.74
N ILE A 378 24.90 10.72 -7.92
CA ILE A 378 23.87 10.26 -8.86
C ILE A 378 22.69 9.70 -8.08
N TRP A 379 21.55 10.35 -8.21
CA TRP A 379 20.33 9.83 -7.64
CA TRP A 379 20.31 9.85 -7.64
C TRP A 379 19.54 9.07 -8.70
N VAL A 380 18.69 8.17 -8.24
CA VAL A 380 17.87 7.40 -9.14
C VAL A 380 16.50 7.26 -8.54
N LYS A 381 15.48 7.37 -9.38
CA LYS A 381 14.11 7.24 -8.95
C LYS A 381 13.50 6.16 -9.80
N ILE A 382 12.89 5.19 -9.16
CA ILE A 382 12.28 4.07 -9.83
C ILE A 382 10.78 4.27 -9.91
N LEU A 383 10.25 4.22 -11.12
CA LEU A 383 8.82 4.32 -11.36
C LEU A 383 8.28 2.97 -11.83
N LEU A 384 7.19 2.54 -11.23
CA LEU A 384 6.48 1.34 -11.69
C LEU A 384 5.09 1.77 -12.09
N ASN A 385 4.77 1.58 -13.37
CA ASN A 385 3.50 2.07 -13.92
C ASN A 385 3.34 3.54 -13.58
N GLU A 386 4.46 4.24 -13.63
CA GLU A 386 4.56 5.68 -13.55
C GLU A 386 4.37 6.22 -12.15
N GLU A 387 4.52 5.39 -11.12
CA GLU A 387 4.40 5.84 -9.74
C GLU A 387 5.60 5.39 -8.92
N ALA A 388 6.10 6.28 -8.06
CA ALA A 388 7.40 6.08 -7.40
C ALA A 388 7.40 4.81 -6.54
N ALA A 389 8.34 3.90 -6.85
CA ALA A 389 8.46 2.62 -6.16
C ALA A 389 9.45 2.71 -5.00
N ALA A 390 9.27 1.85 -4.00
CA ALA A 390 10.16 1.81 -2.84
C ALA A 390 11.03 0.56 -2.90
N LEU A 391 12.37 0.75 -2.66
CA LEU A 391 13.37 -0.28 -2.44
C LEU A 391 13.58 -0.49 -0.94
N PRO A 392 13.89 -1.72 -0.52
CA PRO A 392 14.11 -1.96 0.92
C PRO A 392 15.39 -1.35 1.47
N ILE A 393 16.16 -0.61 0.65
CA ILE A 393 17.27 0.22 1.14
C ILE A 393 16.66 1.49 1.71
N SER A 394 17.52 2.43 2.13
CA SER A 394 17.12 3.64 2.83
C SER A 394 17.54 4.87 2.04
N THR A 395 16.83 5.98 2.28
CA THR A 395 17.11 7.22 1.58
C THR A 395 16.56 8.39 2.38
N ALA A 396 17.25 9.52 2.26
CA ALA A 396 16.81 10.72 2.96
C ALA A 396 15.93 11.61 2.10
N CYS A 397 15.89 11.39 0.79
CA CYS A 397 15.11 12.22 -0.11
CA CYS A 397 15.07 12.23 -0.08
C CYS A 397 14.23 11.36 -1.00
N PHE A 398 13.47 10.44 -0.39
CA PHE A 398 12.57 9.59 -1.15
C PHE A 398 11.67 10.45 -2.05
N PRO A 399 11.32 9.99 -3.27
CA PRO A 399 11.61 8.70 -3.94
C PRO A 399 13.02 8.52 -4.45
N TYR A 400 13.96 9.43 -4.16
CA TYR A 400 15.27 9.49 -4.81
C TYR A 400 16.29 8.70 -4.01
N TYR A 401 16.69 7.55 -4.54
CA TYR A 401 17.71 6.75 -3.91
C TYR A 401 19.09 7.07 -4.45
N SER A 402 20.08 7.03 -3.56
CA SER A 402 21.49 6.99 -3.97
C SER A 402 21.75 5.85 -4.97
N TRP A 403 22.36 6.19 -6.11
CA TRP A 403 22.67 5.17 -7.10
C TRP A 403 23.67 4.13 -6.57
N GLU A 404 24.74 4.56 -5.90
CA GLU A 404 25.68 3.61 -5.31
C GLU A 404 24.98 2.61 -4.40
N LYS A 405 24.23 3.12 -3.41
CA LYS A 405 23.44 2.24 -2.56
C LYS A 405 22.53 1.33 -3.37
N THR A 406 22.00 1.84 -4.48
CA THR A 406 21.02 1.04 -5.22
C THR A 406 21.71 0.04 -6.13
N ARG A 407 22.78 0.46 -6.79
CA ARG A 407 23.57 -0.48 -7.58
C ARG A 407 24.05 -1.63 -6.71
N ILE A 408 24.58 -1.32 -5.53
CA ILE A 408 25.08 -2.36 -4.62
C ILE A 408 23.96 -3.33 -4.25
N PHE A 409 22.80 -2.81 -3.86
CA PHE A 409 21.67 -3.67 -3.52
C PHE A 409 21.27 -4.56 -4.70
N PHE A 410 21.12 -3.99 -5.91
CA PHE A 410 20.72 -4.81 -7.05
C PHE A 410 21.73 -5.91 -7.32
N ASN A 411 23.03 -5.58 -7.35
CA ASN A 411 24.03 -6.61 -7.59
C ASN A 411 23.92 -7.72 -6.56
N GLN A 412 23.66 -7.38 -5.29
CA GLN A 412 23.38 -8.41 -4.30
C GLN A 412 22.25 -9.35 -4.75
N ARG A 413 21.11 -8.78 -5.17
CA ARG A 413 20.03 -9.62 -5.65
C ARG A 413 20.48 -10.47 -6.83
N ILE A 414 21.26 -9.88 -7.73
CA ILE A 414 21.65 -10.59 -8.93
C ILE A 414 22.53 -11.77 -8.60
N GLU A 415 23.31 -11.68 -7.51
CA GLU A 415 24.12 -12.81 -7.09
C GLU A 415 23.30 -13.79 -6.26
N MET A 416 22.31 -13.29 -5.51
CA MET A 416 21.30 -14.15 -4.88
C MET A 416 20.61 -15.03 -5.92
N ALA A 417 20.26 -14.46 -7.07
CA ALA A 417 19.55 -15.23 -8.10
C ALA A 417 20.45 -16.22 -8.82
N LYS A 418 21.72 -15.87 -9.02
CA LYS A 418 22.66 -16.81 -9.62
C LYS A 418 22.85 -18.01 -8.72
N LYS A 419 23.02 -17.79 -7.42
CA LYS A 419 23.08 -18.89 -6.45
C LYS A 419 21.80 -19.74 -6.48
N THR A 420 20.65 -19.08 -6.63
CA THR A 420 19.39 -19.81 -6.79
C THR A 420 19.42 -20.75 -8.00
N LEU A 421 19.91 -20.26 -9.15
CA LEU A 421 19.97 -20.99 -10.42
C LEU A 421 21.11 -22.00 -10.50
N SER A 422 22.02 -22.02 -9.54
CA SER A 422 23.03 -23.07 -9.52
C SER A 422 22.56 -24.29 -8.74
N VAL A 423 21.48 -24.15 -7.95
CA VAL A 423 20.79 -25.30 -7.36
C VAL A 423 19.80 -25.91 -8.33
N PHE A 424 19.63 -25.33 -9.52
CA PHE A 424 18.91 -25.96 -10.63
C PHE A 424 19.77 -26.04 -11.88
N GLN B 22 -13.75 1.75 4.94
CA GLN B 22 -13.47 3.02 5.62
C GLN B 22 -13.51 4.19 4.60
N THR B 23 -14.38 5.18 4.87
CA THR B 23 -14.67 6.22 3.89
C THR B 23 -13.66 7.36 3.93
N LYS B 24 -13.64 8.13 2.83
CA LYS B 24 -12.70 9.24 2.69
C LYS B 24 -12.79 10.21 3.85
N ILE B 25 -14.01 10.56 4.26
CA ILE B 25 -14.22 11.52 5.35
C ILE B 25 -13.77 10.93 6.68
N GLN B 26 -14.01 9.63 6.89
CA GLN B 26 -13.48 8.98 8.08
C GLN B 26 -11.96 9.13 8.13
N LYS B 27 -11.30 8.88 6.99
CA LYS B 27 -9.84 8.96 6.92
C LYS B 27 -9.36 10.37 7.18
N TYR B 28 -9.99 11.37 6.55
CA TYR B 28 -9.58 12.77 6.74
C TYR B 28 -9.57 13.20 8.20
N ALA B 29 -10.04 12.36 9.14
CA ALA B 29 -9.91 12.68 10.55
C ALA B 29 -8.51 12.41 11.08
N GLY B 30 -7.70 11.65 10.32
CA GLY B 30 -6.33 11.40 10.72
C GLY B 30 -6.26 10.64 12.03
N THR B 31 -5.38 11.10 12.92
CA THR B 31 -5.19 10.43 14.19
C THR B 31 -6.46 10.46 15.03
N ALA B 32 -7.39 11.38 14.76
CA ALA B 32 -8.70 11.35 15.40
C ALA B 32 -9.66 10.36 14.75
N MET B 33 -9.25 9.64 13.72
CA MET B 33 -10.13 8.69 13.10
C MET B 33 -10.38 7.53 14.04
N PRO B 34 -11.56 6.92 13.98
CA PRO B 34 -11.83 5.75 14.82
C PRO B 34 -11.17 4.51 14.24
N TYR B 35 -10.83 3.62 15.13
CA TYR B 35 -10.18 2.37 14.77
C TYR B 35 -11.04 1.63 13.76
N PRO B 36 -10.49 1.22 12.62
CA PRO B 36 -11.32 0.70 11.52
C PRO B 36 -11.87 -0.69 11.82
N ASN B 37 -12.61 -1.24 10.85
CA ASN B 37 -13.24 -2.55 11.03
C ASN B 37 -12.30 -3.70 10.72
N ARG B 38 -12.39 -4.75 11.54
CA ARG B 38 -11.61 -5.97 11.35
C ARG B 38 -12.45 -7.22 11.59
N THR B 39 -13.74 -7.19 11.26
CA THR B 39 -14.56 -8.38 11.40
C THR B 39 -13.96 -9.52 10.58
N MET B 49 1.14 -21.78 13.47
CA MET B 49 0.59 -22.59 14.58
C MET B 49 -0.10 -21.70 15.63
N THR B 50 0.18 -22.00 16.96
CA THR B 50 -0.20 -21.09 18.02
C THR B 50 0.99 -20.26 18.44
N PRO B 51 0.78 -19.03 18.88
CA PRO B 51 1.87 -18.24 19.45
C PRO B 51 2.09 -18.63 20.90
N PHE B 52 3.27 -18.26 21.40
CA PHE B 52 3.63 -18.58 22.76
C PHE B 52 3.85 -17.34 23.60
N TYR B 53 3.87 -16.18 22.96
CA TYR B 53 4.09 -14.89 23.60
C TYR B 53 3.49 -13.83 22.68
N ILE B 54 2.98 -12.78 23.28
CA ILE B 54 2.48 -11.65 22.54
C ILE B 54 3.04 -10.41 23.21
N ASN B 55 3.50 -9.48 22.42
CA ASN B 55 4.15 -8.25 22.89
C ASN B 55 3.40 -7.08 22.27
N HIS B 56 2.82 -6.22 23.08
CA HIS B 56 1.80 -5.34 22.54
C HIS B 56 1.99 -3.91 23.03
N LEU B 57 1.72 -2.95 22.14
CA LEU B 57 1.64 -1.53 22.49
C LEU B 57 0.38 -0.95 21.87
N GLY B 58 -0.42 -0.27 22.65
CA GLY B 58 -1.66 0.28 22.11
C GLY B 58 -1.96 1.69 22.55
N ARG B 59 -2.33 2.52 21.61
CA ARG B 59 -2.88 3.82 21.97
C ARG B 59 -4.30 3.64 22.53
N HIS B 60 -4.68 4.52 23.46
CA HIS B 60 -6.04 4.41 23.98
C HIS B 60 -7.04 4.55 22.84
N GLY B 61 -8.23 3.98 23.03
CA GLY B 61 -9.27 4.10 22.01
C GLY B 61 -9.87 5.51 21.93
N ALA B 62 -10.79 5.68 20.97
CA ALA B 62 -11.64 6.88 20.87
C ALA B 62 -11.81 7.60 22.19
N ARG B 63 -11.55 8.91 22.22
CA ARG B 63 -11.58 9.67 23.46
C ARG B 63 -12.38 10.96 23.27
N PHE B 64 -12.54 11.71 24.35
CA PHE B 64 -13.12 13.04 24.24
C PHE B 64 -12.04 14.05 23.89
N PRO B 65 -12.42 15.21 23.37
CA PRO B 65 -11.43 16.27 23.21
C PRO B 65 -10.77 16.53 24.54
N THR B 66 -9.47 16.85 24.50
CA THR B 66 -8.68 16.94 25.72
C THR B 66 -8.73 18.32 26.35
N SER B 67 -9.05 19.36 25.58
CA SER B 67 -9.08 20.74 26.04
C SER B 67 -10.21 21.47 25.34
N ARG B 68 -10.87 22.36 26.08
CA ARG B 68 -11.95 23.18 25.55
C ARG B 68 -11.43 24.36 24.72
N LYS B 69 -10.17 24.31 24.28
CA LYS B 69 -9.58 25.42 23.54
C LYS B 69 -10.30 25.65 22.23
N ALA B 70 -10.39 24.61 21.39
CA ALA B 70 -11.06 24.75 20.11
C ALA B 70 -12.54 25.14 20.28
N LEU B 71 -13.28 24.41 21.12
CA LEU B 71 -14.70 24.69 21.26
C LEU B 71 -14.96 26.11 21.73
N ASP B 72 -13.98 26.78 22.35
CA ASP B 72 -14.17 28.13 22.88
C ASP B 72 -13.91 29.22 21.85
N LYS B 73 -12.89 29.04 21.02
CA LYS B 73 -12.66 30.01 19.96
C LYS B 73 -13.89 30.10 19.05
N VAL B 74 -14.37 28.95 18.58
CA VAL B 74 -15.64 28.90 17.85
C VAL B 74 -16.73 29.64 18.60
N GLU B 75 -16.96 29.29 19.88
CA GLU B 75 -18.07 29.85 20.63
C GLU B 75 -17.99 31.38 20.74
N LYS B 76 -16.80 31.92 21.04
CA LYS B 76 -16.66 33.35 21.26
C LYS B 76 -16.72 34.14 19.95
N VAL B 77 -16.38 33.53 18.82
CA VAL B 77 -16.61 34.21 17.55
C VAL B 77 -18.09 34.28 17.26
N LEU B 78 -18.76 33.13 17.27
CA LEU B 78 -20.18 33.06 16.93
C LEU B 78 -21.01 33.88 17.90
N VAL B 79 -20.65 33.87 19.19
CA VAL B 79 -21.41 34.63 20.17
C VAL B 79 -21.10 36.12 20.02
N SER B 80 -20.02 36.47 19.34
CA SER B 80 -19.78 37.86 18.95
C SER B 80 -20.69 38.25 17.79
N ALA B 81 -20.59 37.52 16.69
CA ALA B 81 -21.39 37.82 15.50
C ALA B 81 -22.88 37.92 15.85
N GLN B 82 -23.37 37.03 16.71
CA GLN B 82 -24.79 37.08 17.06
C GLN B 82 -25.14 38.41 17.70
N GLN B 83 -24.38 38.82 18.71
CA GLN B 83 -24.59 40.13 19.31
C GLN B 83 -24.73 41.19 18.24
N GLU B 84 -23.74 41.30 17.35
CA GLU B 84 -23.73 42.26 16.25
C GLU B 84 -24.76 41.93 15.18
N ASN B 85 -25.64 40.95 15.45
CA ASN B 85 -26.70 40.57 14.51
C ASN B 85 -26.13 40.12 13.17
N GLY B 86 -25.04 39.34 13.20
CA GLY B 86 -24.31 39.01 11.99
C GLY B 86 -24.02 37.54 11.75
N LEU B 87 -24.94 36.66 12.15
CA LEU B 87 -24.88 35.25 11.83
C LEU B 87 -25.77 34.97 10.62
N THR B 88 -25.31 34.09 9.74
CA THR B 88 -26.23 33.53 8.76
C THR B 88 -27.16 32.53 9.44
N SER B 89 -28.12 32.02 8.69
CA SER B 89 -29.03 31.04 9.26
C SER B 89 -28.27 29.79 9.69
N GLU B 90 -27.48 29.22 8.77
CA GLU B 90 -26.60 28.13 9.14
C GLU B 90 -25.72 28.51 10.34
N GLY B 91 -25.38 29.79 10.46
CA GLY B 91 -24.60 30.23 11.60
C GLY B 91 -25.28 29.95 12.94
N MET B 92 -26.57 30.31 13.05
CA MET B 92 -27.28 30.02 14.30
C MET B 92 -27.38 28.50 14.53
N ALA B 93 -27.72 27.74 13.49
CA ALA B 93 -27.54 26.29 13.53
C ALA B 93 -26.23 25.87 14.22
N LEU B 94 -25.08 26.35 13.72
CA LEU B 94 -23.80 25.95 14.29
C LEU B 94 -23.67 26.38 15.74
N LEU B 95 -24.12 27.61 16.06
CA LEU B 95 -24.04 28.08 17.44
C LEU B 95 -24.88 27.21 18.36
N SER B 96 -25.99 26.67 17.86
CA SER B 96 -26.78 25.72 18.62
C SER B 96 -25.95 24.52 19.03
N MET B 97 -25.68 23.62 18.07
CA MET B 97 -24.78 22.50 18.30
C MET B 97 -23.58 22.83 19.19
N ILE B 98 -22.85 23.90 18.88
CA ILE B 98 -21.68 24.20 19.69
C ILE B 98 -22.08 24.32 21.15
N ARG B 99 -23.09 25.16 21.43
CA ARG B 99 -23.60 25.28 22.79
C ARG B 99 -23.98 23.92 23.36
N ARG B 100 -24.63 23.08 22.54
CA ARG B 100 -24.91 21.71 22.96
C ARG B 100 -23.63 20.96 23.32
N LEU B 101 -22.69 20.86 22.36
CA LEU B 101 -21.46 20.11 22.61
C LEU B 101 -20.73 20.61 23.87
N SER B 102 -20.85 21.91 24.18
CA SER B 102 -20.28 22.40 25.43
C SER B 102 -20.87 21.69 26.64
N ARG B 103 -22.20 21.46 26.65
CA ARG B 103 -22.81 20.78 27.78
C ARG B 103 -22.48 19.29 27.77
N LEU B 104 -22.51 18.68 26.60
CA LEU B 104 -22.10 17.28 26.44
C LEU B 104 -20.63 17.02 26.75
N PHE B 105 -19.78 18.04 26.74
CA PHE B 105 -18.36 17.83 27.03
C PHE B 105 -18.00 18.23 28.45
N ASP B 106 -18.97 18.71 29.23
CA ASP B 106 -18.70 19.19 30.58
C ASP B 106 -18.19 18.06 31.47
N GLY B 107 -17.04 18.30 32.12
CA GLY B 107 -16.50 17.30 33.02
C GLY B 107 -16.02 16.03 32.36
N GLN B 108 -15.87 16.04 31.03
CA GLN B 108 -15.54 14.87 30.24
C GLN B 108 -14.20 15.04 29.53
N TRP B 109 -13.56 16.19 29.67
CA TRP B 109 -12.36 16.50 28.93
C TRP B 109 -11.29 15.44 29.11
N GLY B 110 -10.93 14.80 28.01
CA GLY B 110 -9.87 13.82 28.02
C GLY B 110 -10.34 12.41 28.30
N LYS B 111 -11.56 12.24 28.78
CA LYS B 111 -12.02 10.89 29.08
C LYS B 111 -11.97 10.03 27.82
N LEU B 112 -11.75 8.74 28.02
CA LEU B 112 -11.93 7.77 26.96
C LEU B 112 -13.43 7.57 26.77
N SER B 113 -13.85 7.45 25.52
CA SER B 113 -15.25 7.46 25.22
C SER B 113 -15.80 6.04 25.14
N LYS B 114 -17.13 5.93 25.23
CA LYS B 114 -17.80 4.63 25.14
C LYS B 114 -17.32 3.83 23.92
N LEU B 115 -17.16 4.50 22.79
CA LEU B 115 -16.55 3.90 21.61
C LEU B 115 -15.11 3.48 21.86
N GLY B 116 -14.41 4.19 22.75
CA GLY B 116 -13.08 3.74 23.16
C GLY B 116 -13.12 2.46 23.96
N GLU B 117 -13.97 2.43 24.99
CA GLU B 117 -14.22 1.19 25.71
C GLU B 117 -14.50 0.05 24.74
N THR B 118 -15.32 0.31 23.70
CA THR B 118 -15.69 -0.73 22.73
C THR B 118 -14.52 -1.10 21.81
N GLU B 119 -13.76 -0.10 21.36
CA GLU B 119 -12.62 -0.38 20.49
C GLU B 119 -11.64 -1.31 21.19
N GLN B 120 -11.43 -1.11 22.49
CA GLN B 120 -10.48 -1.92 23.24
C GLN B 120 -11.03 -3.32 23.50
N GLU B 121 -12.31 -3.42 23.85
CA GLU B 121 -12.89 -4.74 24.08
C GLU B 121 -12.86 -5.57 22.80
N GLY B 122 -12.95 -4.92 21.64
CA GLY B 122 -12.92 -5.64 20.38
C GLY B 122 -11.52 -6.13 20.08
N ILE B 123 -10.53 -5.24 20.19
CA ILE B 123 -9.13 -5.65 20.02
C ILE B 123 -8.84 -6.87 20.89
N ALA B 124 -9.12 -6.78 22.19
CA ALA B 124 -8.82 -7.88 23.11
C ALA B 124 -9.71 -9.09 22.82
N GLY B 125 -11.00 -8.86 22.58
CA GLY B 125 -11.87 -9.97 22.19
C GLY B 125 -11.33 -10.74 21.01
N ARG B 126 -10.87 -10.03 19.98
CA ARG B 126 -10.34 -10.67 18.79
C ARG B 126 -9.07 -11.46 19.12
N MET B 127 -8.11 -10.81 19.78
CA MET B 127 -6.92 -11.51 20.24
C MET B 127 -7.25 -12.81 20.95
N ILE B 128 -8.29 -12.81 21.78
CA ILE B 128 -8.62 -14.02 22.54
C ILE B 128 -9.23 -15.08 21.65
N ARG B 129 -10.07 -14.68 20.68
CA ARG B 129 -10.58 -15.65 19.72
C ARG B 129 -9.48 -16.17 18.82
N ASN B 130 -8.56 -15.29 18.38
CA ASN B 130 -7.47 -15.73 17.53
C ASN B 130 -6.53 -16.69 18.26
N TYR B 131 -6.08 -16.34 19.47
CA TYR B 131 -5.00 -17.05 20.15
C TYR B 131 -5.48 -17.61 21.49
N PRO B 132 -6.46 -18.52 21.47
CA PRO B 132 -7.02 -19.00 22.73
C PRO B 132 -6.01 -19.75 23.59
N GLN B 133 -5.27 -20.70 22.98
CA GLN B 133 -4.26 -21.43 23.73
C GLN B 133 -3.34 -20.48 24.47
N LEU B 134 -2.93 -19.40 23.82
CA LEU B 134 -2.06 -18.43 24.47
C LEU B 134 -2.62 -17.92 25.79
N PHE B 135 -3.95 -17.79 25.91
CA PHE B 135 -4.54 -17.23 27.12
C PHE B 135 -5.35 -18.22 27.93
N SER B 136 -5.25 -19.52 27.62
CA SER B 136 -6.00 -20.48 28.42
C SER B 136 -5.36 -20.65 29.79
N ASN B 137 -6.02 -21.46 30.62
CA ASN B 137 -5.45 -21.95 31.88
C ASN B 137 -4.87 -20.76 32.65
N SER B 138 -3.80 -20.97 33.41
CA SER B 138 -3.32 -19.91 34.29
C SER B 138 -2.23 -19.05 33.63
N ALA B 139 -2.44 -18.67 32.37
CA ALA B 139 -1.55 -17.75 31.69
C ALA B 139 -1.29 -16.51 32.52
N LYS B 140 -0.02 -16.11 32.60
CA LYS B 140 0.39 -14.85 33.22
C LYS B 140 0.49 -13.75 32.18
N ILE B 141 -0.22 -12.65 32.40
CA ILE B 141 -0.11 -11.49 31.52
C ILE B 141 0.28 -10.27 32.35
N GLU B 142 0.66 -9.21 31.66
CA GLU B 142 1.14 -8.01 32.34
C GLU B 142 0.76 -6.77 31.55
N ALA B 143 0.33 -5.75 32.27
CA ALA B 143 -0.19 -4.54 31.64
C ALA B 143 0.47 -3.33 32.26
N ILE B 144 0.84 -2.39 31.43
CA ILE B 144 1.29 -1.12 31.95
C ILE B 144 0.62 -0.03 31.12
N ALA B 145 0.46 1.12 31.77
CA ALA B 145 -0.18 2.27 31.17
C ALA B 145 0.52 3.50 31.71
N THR B 146 0.46 4.57 30.95
CA THR B 146 0.92 5.82 31.49
C THR B 146 0.03 6.22 32.66
N TYR B 147 0.40 7.31 33.32
CA TYR B 147 -0.40 7.91 34.40
C TYR B 147 -1.70 8.54 33.91
N VAL B 148 -1.96 8.57 32.61
CA VAL B 148 -3.02 9.37 32.01
C VAL B 148 -4.35 8.61 32.11
N PRO B 149 -5.41 9.20 32.73
CA PRO B 149 -6.64 8.45 32.99
C PRO B 149 -7.17 7.60 31.84
N ARG B 150 -7.08 8.06 30.59
CA ARG B 150 -7.61 7.30 29.46
C ARG B 150 -6.67 6.20 28.94
N SER B 151 -5.36 6.29 29.19
CA SER B 151 -4.51 5.11 29.11
C SER B 151 -5.00 4.03 30.06
N ILE B 152 -5.24 4.42 31.31
CA ILE B 152 -5.64 3.45 32.32
C ILE B 152 -7.05 2.94 32.03
N ASN B 153 -7.94 3.77 31.48
CA ASN B 153 -9.27 3.25 31.19
C ASN B 153 -9.20 2.27 30.03
N SER B 154 -8.19 2.44 29.16
CA SER B 154 -7.96 1.48 28.08
C SER B 154 -7.52 0.13 28.65
N MET B 155 -6.41 0.13 29.40
CA MET B 155 -5.98 -1.05 30.14
C MET B 155 -7.15 -1.81 30.76
N ASP B 156 -7.98 -1.10 31.52
CA ASP B 156 -9.09 -1.74 32.21
C ASP B 156 -10.09 -2.33 31.23
N ALA B 157 -10.44 -1.56 30.20
CA ALA B 157 -11.27 -2.09 29.12
C ALA B 157 -10.70 -3.40 28.58
N PHE B 158 -9.41 -3.38 28.20
CA PHE B 158 -8.72 -4.55 27.69
C PHE B 158 -8.74 -5.70 28.71
N LEU B 159 -8.29 -5.44 29.93
CA LEU B 159 -8.12 -6.50 30.92
C LEU B 159 -9.45 -7.16 31.28
N SER B 160 -10.52 -6.35 31.41
CA SER B 160 -11.85 -6.86 31.74
C SER B 160 -12.25 -8.00 30.81
N CYS B 161 -12.35 -7.69 29.51
CA CYS B 161 -12.66 -8.70 28.51
C CYS B 161 -11.85 -9.98 28.76
N MET B 162 -10.52 -9.87 28.84
CA MET B 162 -9.69 -11.06 29.09
C MET B 162 -10.06 -11.77 30.38
N ILE B 163 -10.30 -11.03 31.46
CA ILE B 163 -10.58 -11.67 32.74
C ILE B 163 -11.96 -12.31 32.75
N ARG B 164 -12.93 -11.72 32.05
CA ARG B 164 -14.25 -12.35 31.99
C ARG B 164 -14.23 -13.55 31.05
N HIS B 165 -13.36 -13.55 30.03
CA HIS B 165 -13.22 -14.77 29.23
C HIS B 165 -12.48 -15.85 30.00
N ASN B 166 -11.51 -15.46 30.83
CA ASN B 166 -10.74 -16.43 31.61
C ASN B 166 -10.41 -15.84 32.98
N PRO B 167 -11.20 -16.15 34.01
CA PRO B 167 -10.90 -15.59 35.33
C PRO B 167 -9.65 -16.19 35.97
N ALA B 168 -9.16 -17.31 35.45
CA ALA B 168 -7.98 -17.95 35.97
C ALA B 168 -6.70 -17.45 35.31
N LEU B 169 -6.73 -16.24 34.75
CA LEU B 169 -5.54 -15.53 34.32
C LEU B 169 -4.81 -14.98 35.53
N GLN B 170 -3.51 -14.80 35.40
CA GLN B 170 -2.70 -14.13 36.40
C GLN B 170 -2.34 -12.77 35.81
N VAL B 171 -2.67 -11.71 36.51
CA VAL B 171 -2.60 -10.39 35.93
C VAL B 171 -1.78 -9.48 36.83
N GLN B 172 -0.77 -8.85 36.25
CA GLN B 172 -0.05 -7.76 36.89
C GLN B 172 -0.46 -6.48 36.18
N ARG B 173 -1.03 -5.55 36.93
CA ARG B 173 -1.55 -4.31 36.41
C ARG B 173 -0.73 -3.17 37.01
N SER B 174 -0.24 -2.26 36.19
CA SER B 174 0.47 -1.16 36.83
C SER B 174 0.41 0.08 35.95
N GLU B 175 0.64 1.24 36.57
CA GLU B 175 0.39 2.53 35.94
C GLU B 175 1.33 3.52 36.56
N GLY B 176 1.74 4.54 35.82
CA GLY B 176 2.26 5.70 36.52
C GLY B 176 3.41 6.47 35.89
N LYS B 177 3.85 7.52 36.59
CA LYS B 177 4.99 8.28 36.13
C LYS B 177 6.18 7.38 35.86
N GLN B 178 6.23 6.18 36.46
CA GLN B 178 7.44 5.36 36.36
C GLN B 178 7.70 4.85 34.94
N TYR B 179 6.66 4.63 34.15
CA TYR B 179 6.87 4.18 32.78
C TYR B 179 6.94 5.34 31.82
N ASN B 180 7.17 6.56 32.33
CA ASN B 180 7.27 7.73 31.47
C ASN B 180 8.43 7.62 30.50
N HIS B 181 9.59 7.13 30.97
CA HIS B 181 10.74 6.95 30.08
C HIS B 181 10.47 5.92 28.99
N ILE B 182 9.41 5.12 29.13
CA ILE B 182 9.05 4.09 28.17
C ILE B 182 7.86 4.51 27.32
N LEU B 183 6.86 5.17 27.92
CA LEU B 183 5.65 5.49 27.19
C LEU B 183 5.42 6.98 27.04
N ARG B 184 6.27 7.82 27.60
CA ARG B 184 6.18 9.25 27.37
C ARG B 184 7.57 9.83 27.18
N PHE B 185 8.49 9.01 26.67
CA PHE B 185 9.80 9.49 26.28
C PHE B 185 9.71 10.79 25.48
N PHE B 186 8.56 11.07 24.86
CA PHE B 186 8.41 12.25 24.04
C PHE B 186 8.24 13.52 24.86
N ASP B 187 8.15 13.41 26.18
CA ASP B 187 8.19 14.54 27.10
C ASP B 187 9.46 14.62 27.95
N LEU B 188 10.29 13.58 27.93
CA LEU B 188 11.48 13.58 28.74
C LEU B 188 12.69 14.08 27.99
N ASN B 189 12.67 14.02 26.66
CA ASN B 189 13.81 14.46 25.88
C ASN B 189 13.77 15.97 25.74
N LYS B 190 14.70 16.64 26.43
CA LYS B 190 14.78 18.09 26.41
C LYS B 190 14.92 18.61 24.99
N SER B 191 15.71 17.92 24.17
CA SER B 191 15.92 18.35 22.78
C SER B 191 14.65 18.21 21.97
N TYR B 192 14.07 17.02 21.94
CA TYR B 192 12.82 16.86 21.21
C TYR B 192 11.81 17.90 21.66
N VAL B 193 11.63 18.02 22.98
CA VAL B 193 10.68 18.97 23.52
C VAL B 193 10.87 20.33 22.87
N ASN B 194 12.13 20.77 22.74
CA ASN B 194 12.42 22.08 22.17
C ASN B 194 12.10 22.11 20.68
N TYR B 195 12.63 21.13 19.93
CA TYR B 195 12.25 20.99 18.52
C TYR B 195 10.73 21.06 18.34
N LYS B 196 9.96 20.48 19.27
CA LYS B 196 8.51 20.35 19.07
C LYS B 196 7.75 21.66 19.31
N GLU B 197 8.24 22.51 20.19
CA GLU B 197 7.58 23.76 20.57
C GLU B 197 7.99 24.86 19.60
N LYS B 198 9.27 25.23 19.61
CA LYS B 198 9.81 26.21 18.67
C LYS B 198 10.80 25.55 17.71
N GLY B 199 10.33 24.54 16.96
CA GLY B 199 11.17 23.82 16.04
C GLY B 199 11.07 24.34 14.61
N ASP B 200 11.85 23.69 13.73
CA ASP B 200 11.99 24.11 12.33
C ASP B 200 10.86 23.64 11.44
N TRP B 201 10.18 22.56 11.80
CA TRP B 201 8.97 22.21 11.08
C TRP B 201 7.90 23.29 11.16
N LEU B 202 7.95 24.20 12.15
CA LEU B 202 6.84 25.15 12.27
C LEU B 202 6.75 26.08 11.06
N PRO B 203 7.80 26.80 10.68
CA PRO B 203 7.69 27.65 9.48
C PRO B 203 7.15 26.95 8.23
N ILE B 204 7.33 25.62 8.14
CA ILE B 204 6.90 24.89 6.97
C ILE B 204 5.44 24.52 7.10
N TYR B 205 4.98 24.38 8.33
CA TYR B 205 3.60 24.05 8.57
C TYR B 205 2.71 25.28 8.44
N LYS B 206 3.16 26.42 8.95
CA LYS B 206 2.35 27.63 8.83
C LYS B 206 2.18 28.03 7.36
N ALA B 207 3.27 27.97 6.60
CA ALA B 207 3.20 28.30 5.18
C ALA B 207 2.27 27.36 4.44
N PHE B 208 2.27 26.09 4.83
CA PHE B 208 1.42 25.08 4.20
C PHE B 208 -0.05 25.29 4.53
N VAL B 209 -0.34 25.74 5.76
CA VAL B 209 -1.72 25.97 6.15
C VAL B 209 -2.29 27.13 5.35
N HIS B 210 -1.54 28.22 5.21
CA HIS B 210 -2.04 29.34 4.42
CA HIS B 210 -2.02 29.34 4.41
C HIS B 210 -2.20 28.94 2.96
N LYS B 211 -1.31 28.10 2.44
CA LYS B 211 -1.37 27.67 1.05
C LYS B 211 -2.53 26.72 0.80
N LYS B 212 -2.88 25.88 1.78
CA LYS B 212 -3.90 24.89 1.54
C LYS B 212 -5.28 25.28 2.04
N ILE B 213 -5.36 26.17 3.02
CA ILE B 213 -6.63 26.46 3.68
C ILE B 213 -6.97 27.93 3.43
N SER B 214 -8.05 28.14 2.68
CA SER B 214 -8.59 29.48 2.49
C SER B 214 -9.77 29.64 3.43
N PRO B 215 -9.67 30.50 4.45
CA PRO B 215 -10.84 30.70 5.34
C PRO B 215 -12.04 31.34 4.66
N VAL B 216 -11.83 32.35 3.80
CA VAL B 216 -12.88 33.24 3.31
C VAL B 216 -14.09 32.52 2.70
N PRO B 217 -13.95 31.33 2.11
CA PRO B 217 -15.15 30.59 1.68
C PRO B 217 -15.94 29.94 2.81
N ILE B 218 -15.33 29.76 3.98
CA ILE B 218 -15.99 29.08 5.11
C ILE B 218 -16.70 30.08 6.02
N MET B 219 -16.13 31.27 6.24
CA MET B 219 -16.78 32.28 7.07
C MET B 219 -18.18 32.59 6.58
N LYS B 220 -18.30 33.00 5.32
CA LYS B 220 -19.57 33.47 4.82
C LYS B 220 -20.64 32.38 4.84
N LYS B 221 -20.28 31.11 5.03
CA LYS B 221 -21.28 30.11 5.38
C LYS B 221 -22.03 30.51 6.66
N PHE B 222 -21.30 30.99 7.67
CA PHE B 222 -21.87 31.27 8.98
C PHE B 222 -21.98 32.75 9.32
N LEU B 223 -21.14 33.59 8.73
CA LEU B 223 -21.07 35.00 9.10
C LEU B 223 -21.63 35.86 7.98
N LEU B 224 -22.64 36.66 8.30
CA LEU B 224 -22.83 37.91 7.59
C LEU B 224 -21.52 38.69 7.68
N ASN B 225 -21.11 39.29 6.56
CA ASN B 225 -19.92 40.16 6.57
C ASN B 225 -18.73 39.55 7.29
N PRO B 226 -18.08 38.53 6.70
CA PRO B 226 -16.87 37.95 7.30
C PRO B 226 -15.62 38.81 7.13
N GLU B 227 -15.74 39.92 6.39
CA GLU B 227 -14.58 40.73 6.03
C GLU B 227 -13.93 41.33 7.27
N GLN B 228 -14.72 42.04 8.09
CA GLN B 228 -14.18 42.68 9.29
C GLN B 228 -13.49 41.71 10.25
N TYR B 229 -13.61 40.39 10.04
CA TYR B 229 -12.77 39.45 10.78
C TYR B 229 -11.37 39.45 10.20
N LEU B 230 -10.37 39.56 11.05
CA LEU B 230 -9.00 39.58 10.58
C LEU B 230 -8.67 38.30 9.82
N ASP B 231 -7.76 38.41 8.85
CA ASP B 231 -7.33 37.21 8.15
C ASP B 231 -6.74 36.18 9.11
N LYS B 232 -5.96 36.63 10.10
CA LYS B 232 -5.37 35.70 11.05
C LYS B 232 -6.43 35.05 11.92
N GLU B 233 -7.36 35.87 12.46
CA GLU B 233 -8.43 35.32 13.29
C GLU B 233 -9.34 34.38 12.52
N ALA B 234 -9.56 34.66 11.23
CA ALA B 234 -10.39 33.77 10.42
C ALA B 234 -9.80 32.35 10.40
N GLU B 235 -8.48 32.24 10.18
CA GLU B 235 -7.85 30.92 10.19
C GLU B 235 -7.88 30.31 11.58
N GLU B 236 -7.62 31.10 12.62
CA GLU B 236 -7.80 30.58 13.97
C GLU B 236 -9.18 29.96 14.10
N PHE B 237 -10.21 30.67 13.63
CA PHE B 237 -11.57 30.15 13.73
C PHE B 237 -11.76 28.88 12.90
N VAL B 238 -11.26 28.87 11.67
CA VAL B 238 -11.58 27.73 10.81
C VAL B 238 -10.80 26.48 11.19
N MET B 239 -9.62 26.63 11.80
CA MET B 239 -8.89 25.47 12.32
C MET B 239 -9.56 24.95 13.57
N ALA B 240 -10.03 25.83 14.45
CA ALA B 240 -10.80 25.35 15.58
C ALA B 240 -12.03 24.58 15.10
N LEU B 241 -12.67 25.08 14.05
CA LEU B 241 -13.88 24.43 13.55
C LEU B 241 -13.58 23.03 13.02
N PHE B 242 -12.55 22.90 12.18
CA PHE B 242 -12.15 21.57 11.74
C PHE B 242 -11.88 20.70 12.96
N SER B 243 -11.12 21.25 13.89
CA SER B 243 -10.80 20.58 15.15
C SER B 243 -12.04 19.99 15.81
N VAL B 244 -13.00 20.85 16.16
CA VAL B 244 -14.26 20.42 16.80
C VAL B 244 -14.91 19.30 15.99
N ALA B 245 -15.01 19.47 14.68
CA ALA B 245 -15.64 18.47 13.83
C ALA B 245 -14.87 17.14 13.83
N ALA B 246 -13.54 17.20 13.62
CA ALA B 246 -12.77 15.99 13.39
C ALA B 246 -12.85 15.00 14.56
N ILE B 247 -12.80 15.49 15.81
CA ILE B 247 -12.90 14.61 16.99
C ILE B 247 -14.34 14.15 17.24
N LEU B 248 -15.33 14.95 16.86
CA LEU B 248 -16.72 14.62 17.20
C LEU B 248 -17.07 13.14 17.02
N PRO B 249 -16.65 12.44 15.96
CA PRO B 249 -17.03 11.02 15.82
C PRO B 249 -16.41 10.08 16.86
N ASP B 250 -15.46 10.52 17.65
CA ASP B 250 -14.83 9.64 18.62
C ASP B 250 -15.52 9.67 19.97
N THR B 251 -16.55 10.50 20.12
CA THR B 251 -17.14 10.72 21.43
C THR B 251 -18.42 9.93 21.65
N SER B 252 -18.97 9.32 20.60
CA SER B 252 -20.23 8.58 20.70
C SER B 252 -21.40 9.50 21.06
N ILE B 253 -21.33 10.73 20.58
CA ILE B 253 -22.42 11.69 20.68
C ILE B 253 -23.15 11.61 19.35
N PRO B 254 -24.48 11.66 19.34
CA PRO B 254 -25.19 11.58 18.06
C PRO B 254 -24.91 12.73 17.10
N LEU B 255 -24.26 13.81 17.53
CA LEU B 255 -24.03 14.93 16.63
C LEU B 255 -22.98 14.57 15.56
N ASN B 256 -22.91 15.39 14.52
CA ASN B 256 -21.96 15.14 13.45
C ASN B 256 -21.85 16.32 12.48
N LEU B 257 -20.66 16.92 12.40
CA LEU B 257 -20.41 18.16 11.68
C LEU B 257 -19.56 17.99 10.43
N GLU B 258 -19.55 16.81 9.82
CA GLU B 258 -18.79 16.68 8.58
C GLU B 258 -19.46 17.44 7.43
N ASP B 259 -20.79 17.59 7.45
CA ASP B 259 -21.51 18.42 6.49
C ASP B 259 -21.07 19.88 6.53
N LEU B 260 -20.35 20.27 7.58
CA LEU B 260 -19.83 21.62 7.69
C LEU B 260 -18.99 21.97 6.47
N PHE B 261 -18.24 20.98 5.97
CA PHE B 261 -17.17 21.19 5.01
C PHE B 261 -17.35 20.26 3.82
N THR B 262 -16.89 20.72 2.67
CA THR B 262 -16.91 19.89 1.47
C THR B 262 -15.80 18.84 1.56
N LEU B 263 -15.99 17.73 0.86
CA LEU B 263 -14.98 16.67 0.91
C LEU B 263 -13.61 17.19 0.51
N ASP B 264 -13.55 18.34 -0.13
CA ASP B 264 -12.24 18.87 -0.47
C ASP B 264 -11.65 19.71 0.65
N GLU B 265 -12.47 20.48 1.34
CA GLU B 265 -11.97 21.17 2.53
C GLU B 265 -11.39 20.16 3.51
N TRP B 266 -12.15 19.09 3.79
CA TRP B 266 -11.66 18.03 4.66
C TRP B 266 -10.36 17.44 4.14
N HIS B 267 -10.23 17.35 2.81
CA HIS B 267 -9.02 16.77 2.21
C HIS B 267 -7.82 17.70 2.41
N ARG B 268 -8.01 19.01 2.18
CA ARG B 268 -6.92 19.95 2.33
C ARG B 268 -6.52 20.08 3.80
N TYR B 269 -7.51 20.16 4.68
CA TYR B 269 -7.27 20.20 6.11
C TYR B 269 -6.47 18.98 6.57
N TRP B 270 -6.98 17.78 6.27
CA TRP B 270 -6.22 16.57 6.58
C TRP B 270 -4.75 16.70 6.19
N GLN B 271 -4.45 17.42 5.11
CA GLN B 271 -3.11 17.41 4.56
C GLN B 271 -2.17 18.26 5.39
N THR B 272 -2.70 19.27 6.04
CA THR B 272 -1.90 20.13 6.90
C THR B 272 -1.58 19.44 8.21
N GLN B 273 -2.48 18.58 8.66
CA GLN B 273 -2.29 17.84 9.90
C GLN B 273 -1.49 16.56 9.66
N ASN B 274 -1.75 15.88 8.54
CA ASN B 274 -0.91 14.73 8.19
C ASN B 274 0.54 15.15 8.10
N LEU B 275 0.78 16.40 7.70
CA LEU B 275 2.11 16.96 7.58
C LEU B 275 2.63 17.47 8.91
N ARG B 276 1.73 17.83 9.82
CA ARG B 276 2.13 18.21 11.16
C ARG B 276 2.54 16.99 11.98
N GLN B 277 1.71 15.94 11.96
CA GLN B 277 2.09 14.69 12.61
C GLN B 277 3.42 14.18 12.09
N TYR B 278 3.67 14.36 10.79
CA TYR B 278 4.80 13.73 10.14
C TYR B 278 6.11 14.42 10.48
N MET B 279 6.06 15.73 10.67
CA MET B 279 7.26 16.55 10.85
C MET B 279 7.66 16.74 12.30
N SER B 280 6.68 16.79 13.19
CA SER B 280 6.89 16.99 14.60
C SER B 280 7.13 15.70 15.32
N LYS B 281 6.86 14.58 14.65
CA LYS B 281 6.60 13.32 15.31
C LYS B 281 7.16 12.11 14.57
N SER B 282 7.55 12.22 13.29
CA SER B 282 8.07 11.06 12.57
C SER B 282 9.35 11.39 11.80
N SER B 283 9.46 10.90 10.56
CA SER B 283 10.70 10.86 9.80
C SER B 283 10.98 12.11 8.96
N ALA B 284 10.06 13.09 8.94
CA ALA B 284 10.30 14.34 8.22
C ALA B 284 11.78 14.71 8.31
N PRO B 285 12.49 14.79 7.18
CA PRO B 285 13.91 15.12 7.24
C PRO B 285 14.22 16.42 7.97
N VAL B 286 13.23 17.28 8.22
CA VAL B 286 13.44 18.48 9.01
C VAL B 286 13.72 18.11 10.47
N GLY B 287 13.14 17.02 10.96
CA GLY B 287 13.40 16.51 12.30
C GLY B 287 14.63 15.66 12.43
N LYS B 288 15.42 15.55 11.37
CA LYS B 288 16.75 14.93 11.39
C LYS B 288 16.76 13.55 12.07
N MET B 289 15.58 12.92 12.21
CA MET B 289 15.36 11.61 12.83
C MET B 289 15.16 11.80 14.32
N LEU B 290 15.20 13.03 14.83
CA LEU B 290 15.11 13.25 16.26
C LEU B 290 13.78 12.79 16.85
N PRO B 291 12.63 13.11 16.26
CA PRO B 291 11.38 12.56 16.82
C PRO B 291 11.32 11.05 16.78
N VAL B 292 11.97 10.37 15.84
CA VAL B 292 11.91 8.91 15.84
C VAL B 292 12.88 8.32 16.85
N ALA B 293 14.09 8.90 16.95
CA ALA B 293 15.14 8.30 17.78
C ALA B 293 14.74 8.24 19.25
N ILE B 294 13.97 9.23 19.73
CA ILE B 294 13.64 9.33 21.15
C ILE B 294 12.80 8.15 21.65
N ALA B 295 12.41 7.23 20.75
CA ALA B 295 11.65 6.06 21.15
C ALA B 295 12.50 4.78 21.30
N TRP B 296 13.83 4.86 21.22
CA TRP B 296 14.55 3.60 21.35
C TRP B 296 14.38 2.96 22.75
N PRO B 297 14.19 3.73 23.85
CA PRO B 297 13.93 3.06 25.13
C PRO B 297 12.76 2.12 25.06
N LEU B 298 11.78 2.40 24.19
CA LEU B 298 10.60 1.55 24.11
C LEU B 298 10.84 0.35 23.20
N LEU B 299 11.52 0.57 22.06
CA LEU B 299 11.92 -0.55 21.23
C LEU B 299 12.81 -1.51 22.02
N SER B 300 13.49 -0.99 23.02
CA SER B 300 14.42 -1.85 23.73
C SER B 300 13.69 -2.66 24.77
N GLU B 301 12.77 -2.02 25.51
CA GLU B 301 11.94 -2.80 26.42
C GLU B 301 11.15 -3.85 25.66
N PHE B 302 10.85 -3.61 24.39
CA PHE B 302 10.12 -4.60 23.62
C PHE B 302 10.95 -5.85 23.43
N ILE B 303 12.24 -5.65 23.12
CA ILE B 303 13.13 -6.78 22.92
C ILE B 303 13.43 -7.44 24.26
N ARG B 304 13.74 -6.64 25.28
CA ARG B 304 13.98 -7.20 26.61
C ARG B 304 12.84 -8.12 26.98
N SER B 305 11.62 -7.56 26.98
CA SER B 305 10.44 -8.31 27.35
C SER B 305 10.43 -9.67 26.66
N ALA B 306 10.58 -9.69 25.34
CA ALA B 306 10.57 -10.92 24.58
C ALA B 306 11.74 -11.83 24.96
N GLN B 307 12.98 -11.33 24.81
CA GLN B 307 14.17 -12.13 25.13
C GLN B 307 14.04 -12.80 26.50
N GLU B 308 13.43 -12.10 27.45
CA GLU B 308 13.20 -12.69 28.76
C GLU B 308 12.23 -13.87 28.69
N VAL B 309 11.24 -13.82 27.79
CA VAL B 309 10.32 -14.94 27.73
C VAL B 309 10.93 -16.07 26.94
N ILE B 310 11.74 -15.75 25.94
CA ILE B 310 12.25 -16.80 25.07
C ILE B 310 13.31 -17.61 25.77
N SER B 311 13.98 -17.03 26.77
CA SER B 311 14.95 -17.75 27.58
C SER B 311 14.31 -18.41 28.80
N GLY B 312 13.64 -17.62 29.62
CA GLY B 312 12.99 -18.21 30.77
C GLY B 312 13.10 -17.37 32.02
N LYS B 313 13.62 -16.15 31.92
CA LYS B 313 13.60 -15.28 33.07
C LYS B 313 12.25 -14.58 33.22
N SER B 314 11.24 -15.09 32.51
CA SER B 314 9.90 -14.56 32.57
C SER B 314 8.93 -15.65 32.13
N ASP B 315 7.87 -15.85 32.91
CA ASP B 315 6.81 -16.80 32.59
C ASP B 315 5.61 -16.14 31.90
N TYR B 316 5.81 -14.98 31.29
CA TYR B 316 4.73 -14.13 30.79
C TYR B 316 4.27 -14.61 29.42
N GLN B 317 2.98 -14.91 29.31
CA GLN B 317 2.39 -15.09 27.99
C GLN B 317 2.17 -13.77 27.29
N ALA B 318 2.09 -12.66 28.02
CA ALA B 318 1.74 -11.43 27.35
C ALA B 318 2.23 -10.23 28.14
N ASN B 319 2.47 -9.16 27.38
CA ASN B 319 2.90 -7.88 27.89
C ASN B 319 2.06 -6.87 27.13
N PHE B 320 1.14 -6.20 27.80
CA PHE B 320 0.33 -5.19 27.14
C PHE B 320 0.72 -3.84 27.67
N ARG B 321 0.74 -2.85 26.79
CA ARG B 321 1.17 -1.51 27.15
C ARG B 321 0.22 -0.52 26.49
N PHE B 322 -0.30 0.43 27.26
CA PHE B 322 -1.26 1.37 26.75
C PHE B 322 -0.77 2.79 26.94
N ALA B 323 -0.82 3.56 25.88
CA ALA B 323 -0.19 4.88 25.87
C ALA B 323 -0.92 5.79 24.88
N HIS B 324 -0.16 6.40 23.97
CA HIS B 324 -0.63 7.55 23.22
C HIS B 324 -0.20 7.47 21.76
N ALA B 325 -0.84 8.32 20.94
CA ALA B 325 -0.39 8.46 19.55
C ALA B 325 1.07 8.91 19.49
N ASN B 326 1.47 9.82 20.39
CA ASN B 326 2.87 10.25 20.42
C ASN B 326 3.83 9.13 20.78
N THR B 327 3.33 8.02 21.33
CA THR B 327 4.16 6.86 21.60
C THR B 327 4.27 6.00 20.36
N VAL B 328 3.13 5.81 19.70
CA VAL B 328 2.99 4.88 18.60
C VAL B 328 3.73 5.37 17.37
N ILE B 329 3.46 6.61 16.94
CA ILE B 329 4.01 7.16 15.70
C ILE B 329 5.52 7.00 15.69
N PRO B 330 6.27 7.69 16.57
CA PRO B 330 7.72 7.51 16.56
C PRO B 330 8.11 6.05 16.73
N PHE B 331 7.36 5.27 17.53
CA PHE B 331 7.76 3.90 17.75
C PHE B 331 7.65 3.10 16.48
N VAL B 332 6.51 3.22 15.79
CA VAL B 332 6.32 2.54 14.51
C VAL B 332 7.41 2.90 13.50
N SER B 333 7.79 4.18 13.42
CA SER B 333 8.83 4.58 12.47
C SER B 333 10.19 3.99 12.83
N LEU B 334 10.48 3.87 14.13
CA LEU B 334 11.76 3.34 14.58
C LEU B 334 11.90 1.86 14.28
N MET B 335 10.81 1.10 14.32
CA MET B 335 10.87 -0.29 13.84
C MET B 335 11.17 -0.35 12.36
N GLY B 336 10.82 0.69 11.61
CA GLY B 336 10.98 0.67 10.17
C GLY B 336 9.91 -0.09 9.44
N ILE B 337 8.72 -0.25 10.04
CA ILE B 337 7.60 -0.85 9.33
C ILE B 337 7.44 -0.12 8.02
N GLU B 338 7.25 -0.88 6.94
CA GLU B 338 7.41 -0.29 5.62
C GLU B 338 6.47 0.89 5.45
N LYS B 339 7.00 1.93 4.80
CA LYS B 339 6.36 3.21 4.50
C LYS B 339 6.37 4.18 5.68
N THR B 340 6.38 3.67 6.92
CA THR B 340 6.32 4.59 8.07
C THR B 340 7.65 5.31 8.32
N ASP B 341 8.76 4.74 7.89
CA ASP B 341 10.03 5.42 8.08
C ASP B 341 10.38 6.37 6.93
N VAL B 342 9.48 6.56 5.97
CA VAL B 342 9.85 7.25 4.74
C VAL B 342 10.32 8.67 5.03
N GLN B 343 11.41 9.08 4.35
CA GLN B 343 11.99 10.41 4.48
C GLN B 343 11.70 11.17 3.20
N VAL B 344 10.78 12.13 3.27
CA VAL B 344 10.22 12.77 2.08
C VAL B 344 10.49 14.26 2.17
N CYS B 345 11.13 14.80 1.14
CA CYS B 345 11.64 16.16 1.18
C CYS B 345 10.63 17.20 0.65
N ARG B 346 9.71 16.79 -0.13
CA ARG B 346 8.74 17.79 -0.53
C ARG B 346 7.54 17.74 0.41
N PRO B 347 7.16 18.86 1.04
CA PRO B 347 6.01 18.84 1.96
C PRO B 347 4.71 18.34 1.33
N ASP B 348 4.47 18.55 0.05
CA ASP B 348 3.19 18.12 -0.52
C ASP B 348 3.22 16.66 -0.96
N SER B 349 4.42 16.10 -1.15
CA SER B 349 4.53 14.68 -1.41
C SER B 349 4.15 13.87 -0.18
N VAL B 350 4.46 14.37 1.02
CA VAL B 350 4.25 13.52 2.19
C VAL B 350 2.84 12.96 2.19
N SER B 351 1.84 13.81 1.87
CA SER B 351 0.47 13.29 1.83
C SER B 351 0.37 11.99 1.04
N VAL B 352 1.22 11.80 0.02
CA VAL B 352 1.12 10.61 -0.82
C VAL B 352 1.72 9.38 -0.14
N TYR B 353 2.88 9.54 0.50
CA TYR B 353 3.65 8.39 0.99
C TYR B 353 3.48 8.12 2.47
N TRP B 354 3.01 9.09 3.23
CA TRP B 354 2.87 8.93 4.65
C TRP B 354 1.43 9.29 5.01
N LYS B 355 0.70 8.33 5.57
CA LYS B 355 -0.69 8.57 5.95
C LYS B 355 -0.87 8.21 7.41
N ASP B 356 -1.20 9.23 8.22
CA ASP B 356 -1.28 9.08 9.67
C ASP B 356 -2.52 8.30 10.08
N TYR B 357 -3.59 8.31 9.29
CA TYR B 357 -4.72 7.44 9.60
C TYR B 357 -4.40 5.99 9.27
N GLU B 358 -3.40 5.75 8.42
CA GLU B 358 -2.90 4.39 8.24
C GLU B 358 -2.17 3.92 9.49
N ILE B 359 -1.39 4.80 10.11
CA ILE B 359 -0.47 4.43 11.19
C ILE B 359 -1.10 4.60 12.56
N SER B 360 -1.76 5.71 12.81
CA SER B 360 -2.13 6.08 14.17
C SER B 360 -3.58 6.54 14.21
N PRO B 361 -4.50 5.67 13.87
CA PRO B 361 -5.91 5.99 14.18
C PRO B 361 -6.07 6.02 15.70
N MET B 362 -7.28 6.37 16.18
CA MET B 362 -7.69 6.08 17.54
C MET B 362 -7.48 4.59 17.78
N ALA B 363 -7.03 4.22 18.97
CA ALA B 363 -6.82 2.81 19.33
C ALA B 363 -5.73 2.10 18.49
N ALA B 364 -4.90 2.85 17.74
CA ALA B 364 -3.78 2.24 17.01
C ALA B 364 -2.95 1.35 17.91
N ASN B 365 -2.62 0.16 17.42
CA ASN B 365 -1.92 -0.82 18.24
C ASN B 365 -0.91 -1.62 17.42
N VAL B 366 0.23 -1.90 18.03
CA VAL B 366 1.28 -2.77 17.52
C VAL B 366 1.28 -4.07 18.30
N GLN B 367 1.23 -5.19 17.60
CA GLN B 367 1.33 -6.48 18.27
C GLN B 367 2.47 -7.28 17.64
N TRP B 368 3.31 -7.86 18.47
CA TRP B 368 4.28 -8.87 18.04
C TRP B 368 3.80 -10.21 18.57
N LEU B 369 3.77 -11.22 17.72
CA LEU B 369 3.29 -12.54 18.10
C LEU B 369 4.41 -13.55 17.89
N PHE B 370 4.84 -14.20 18.96
CA PHE B 370 5.99 -15.07 18.85
C PHE B 370 5.54 -16.52 18.80
N TYR B 371 6.15 -17.28 17.89
CA TYR B 371 5.84 -18.67 17.60
C TYR B 371 7.13 -19.47 17.67
N ARG B 372 7.08 -20.65 18.26
CA ARG B 372 8.22 -21.56 18.27
C ARG B 372 7.84 -22.77 17.44
N ASP B 373 8.55 -22.97 16.32
CA ASP B 373 8.14 -24.01 15.38
C ASP B 373 8.76 -25.36 15.76
N ARG B 374 8.30 -26.42 15.09
CA ARG B 374 8.94 -27.72 15.24
C ARG B 374 10.37 -27.62 14.70
N ASP B 375 11.34 -27.87 15.60
CA ASP B 375 12.77 -27.70 15.38
C ASP B 375 13.26 -26.57 16.29
N GLN B 376 12.34 -25.83 16.89
CA GLN B 376 12.65 -24.91 17.98
C GLN B 376 13.03 -23.51 17.52
N ARG B 377 12.92 -23.21 16.21
CA ARG B 377 13.22 -21.86 15.72
C ARG B 377 12.05 -20.91 16.00
N ILE B 378 12.39 -19.66 16.28
CA ILE B 378 11.41 -18.66 16.67
C ILE B 378 11.05 -17.80 15.46
N TRP B 379 9.75 -17.47 15.35
CA TRP B 379 9.16 -16.63 14.33
C TRP B 379 8.38 -15.54 15.03
N VAL B 380 8.49 -14.35 14.50
CA VAL B 380 7.75 -13.21 15.00
C VAL B 380 6.90 -12.72 13.85
N LYS B 381 5.67 -12.30 14.15
CA LYS B 381 4.78 -11.71 13.17
C LYS B 381 4.38 -10.37 13.73
N ILE B 382 4.48 -9.31 12.94
CA ILE B 382 4.13 -7.97 13.44
C ILE B 382 2.81 -7.52 12.85
N LEU B 383 1.91 -7.12 13.71
CA LEU B 383 0.62 -6.60 13.34
C LEU B 383 0.58 -5.12 13.69
N LEU B 384 0.42 -4.27 12.67
CA LEU B 384 0.00 -2.90 12.89
C LEU B 384 -1.52 -2.83 12.73
N ASN B 385 -2.22 -2.40 13.77
CA ASN B 385 -3.67 -2.34 13.75
C ASN B 385 -4.26 -3.60 13.14
N GLU B 386 -3.85 -4.74 13.70
CA GLU B 386 -4.29 -6.08 13.31
C GLU B 386 -4.22 -6.31 11.80
N GLU B 387 -3.06 -6.02 11.24
CA GLU B 387 -2.77 -6.24 9.84
C GLU B 387 -1.27 -6.48 9.72
N ALA B 388 -0.88 -7.46 8.91
CA ALA B 388 0.51 -7.85 8.86
C ALA B 388 1.40 -6.73 8.32
N ALA B 389 2.43 -6.37 9.10
CA ALA B 389 3.40 -5.37 8.70
C ALA B 389 4.57 -6.00 7.97
N ALA B 390 5.20 -5.20 7.11
CA ALA B 390 6.40 -5.58 6.38
C ALA B 390 7.61 -4.83 6.94
N LEU B 391 8.70 -5.54 7.15
CA LEU B 391 9.98 -4.94 7.47
C LEU B 391 10.88 -5.05 6.28
N PRO B 392 11.91 -4.19 6.17
CA PRO B 392 12.86 -4.28 5.06
C PRO B 392 13.93 -5.33 5.31
N ILE B 393 13.52 -6.47 5.83
CA ILE B 393 14.36 -7.65 5.94
C ILE B 393 13.59 -8.79 5.28
N SER B 394 14.33 -9.81 4.87
CA SER B 394 13.78 -10.92 4.11
C SER B 394 13.01 -11.90 4.97
N THR B 395 12.21 -12.73 4.31
CA THR B 395 11.62 -13.92 4.90
C THR B 395 10.96 -14.78 3.82
N ALA B 396 11.25 -16.07 3.82
CA ALA B 396 10.60 -17.00 2.91
C ALA B 396 9.21 -17.42 3.41
N CYS B 397 8.66 -16.72 4.41
CA CYS B 397 7.45 -17.12 5.14
C CYS B 397 6.67 -15.88 5.59
N PHE B 398 6.30 -15.02 4.66
CA PHE B 398 5.62 -13.80 5.06
C PHE B 398 4.18 -14.11 5.51
N PRO B 399 3.68 -13.46 6.56
CA PRO B 399 4.22 -12.31 7.32
C PRO B 399 5.16 -12.64 8.47
N TYR B 400 5.59 -13.90 8.59
CA TYR B 400 6.42 -14.38 9.67
C TYR B 400 7.90 -14.17 9.35
N TYR B 401 8.58 -13.39 10.18
CA TYR B 401 9.99 -13.15 10.10
C TYR B 401 10.72 -13.98 11.14
N SER B 402 11.94 -14.40 10.80
CA SER B 402 12.85 -14.94 11.81
C SER B 402 13.15 -13.91 12.91
N TRP B 403 13.03 -14.34 14.16
CA TRP B 403 13.29 -13.47 15.29
C TRP B 403 14.76 -13.10 15.39
N GLU B 404 15.65 -14.08 15.24
CA GLU B 404 17.07 -13.74 15.18
C GLU B 404 17.25 -12.55 14.25
N LYS B 405 16.87 -12.72 12.98
CA LYS B 405 16.99 -11.63 11.99
C LYS B 405 16.39 -10.35 12.53
N THR B 406 15.17 -10.44 13.05
CA THR B 406 14.41 -9.26 13.47
C THR B 406 15.10 -8.56 14.63
N ARG B 407 15.37 -9.28 15.72
CA ARG B 407 16.00 -8.69 16.89
C ARG B 407 17.29 -7.99 16.51
N ILE B 408 18.05 -8.60 15.59
CA ILE B 408 19.25 -7.95 15.09
C ILE B 408 18.91 -6.69 14.30
N PHE B 409 17.91 -6.77 13.42
CA PHE B 409 17.55 -5.57 12.66
C PHE B 409 17.17 -4.45 13.60
N PHE B 410 16.27 -4.74 14.55
CA PHE B 410 15.85 -3.71 15.49
C PHE B 410 17.04 -3.20 16.29
N ASN B 411 17.97 -4.09 16.63
CA ASN B 411 19.14 -3.63 17.35
C ASN B 411 19.92 -2.63 16.52
N GLN B 412 19.96 -2.83 15.19
CA GLN B 412 20.55 -1.84 14.31
C GLN B 412 19.85 -0.50 14.45
N ARG B 413 18.51 -0.52 14.46
CA ARG B 413 17.76 0.73 14.53
C ARG B 413 18.01 1.46 15.83
N ILE B 414 18.03 0.73 16.97
CA ILE B 414 18.23 1.35 18.29
C ILE B 414 19.58 2.04 18.38
N GLU B 415 20.65 1.31 18.03
CA GLU B 415 21.98 1.94 18.02
C GLU B 415 21.96 3.11 17.06
N MET B 416 21.23 2.98 15.97
CA MET B 416 21.25 4.04 15.00
C MET B 416 20.48 5.26 15.50
N ALA B 417 19.54 5.05 16.44
CA ALA B 417 18.87 6.15 17.14
C ALA B 417 19.73 6.75 18.24
N LYS B 418 20.40 5.91 19.05
CA LYS B 418 21.27 6.49 20.07
C LYS B 418 22.33 7.39 19.45
N LYS B 419 22.75 7.10 18.22
CA LYS B 419 23.80 7.88 17.57
C LYS B 419 23.26 9.19 17.01
N THR B 420 21.97 9.23 16.67
CA THR B 420 21.38 10.52 16.32
C THR B 420 21.16 11.36 17.58
N LEU B 421 20.77 10.74 18.69
CA LEU B 421 20.59 11.47 19.94
C LEU B 421 21.92 11.96 20.52
N SER B 422 23.01 11.24 20.29
CA SER B 422 24.32 11.71 20.74
C SER B 422 24.64 13.09 20.20
N VAL B 423 24.31 13.35 18.94
CA VAL B 423 24.35 14.67 18.30
C VAL B 423 23.74 15.79 19.14
N PHE B 424 22.88 15.45 20.11
CA PHE B 424 22.12 16.49 20.84
C PHE B 424 22.42 16.53 22.35
O46 ZNZ C . -1.37 -14.39 -18.72
P6 ZNZ C . -0.81 -12.92 -19.25
O26 ZNZ C . -1.95 -11.71 -19.09
O36 ZNZ C . 0.57 -12.58 -18.40
O16 ZNZ C . -0.44 -13.05 -20.84
C6 ZNZ C . 0.37 -14.17 -21.09
C1 ZNZ C . 1.43 -13.76 -22.10
O11 ZNZ C . 2.23 -12.70 -21.61
P1 ZNZ C . 2.05 -11.28 -22.46
O41 ZNZ C . 2.78 -10.01 -21.70
O31 ZNZ C . 2.74 -11.50 -23.95
O21 ZNZ C . 0.45 -10.95 -22.60
C5 ZNZ C . -0.45 -15.32 -21.63
O15 ZNZ C . -1.43 -15.69 -20.71
P5 ZNZ C . -2.93 -15.96 -21.35
O45 ZNZ C . -2.77 -17.13 -22.52
O35 ZNZ C . -3.48 -14.56 -22.01
O25 ZNZ C . -3.87 -16.46 -20.10
C4 ZNZ C . 0.41 -16.58 -21.75
O14 ZNZ C . -0.26 -17.74 -22.19
C3 ZNZ C . 1.55 -16.29 -22.74
O13 ZNZ C . 1.03 -16.13 -24.04
P3 ZNZ C . 1.24 -17.20 -25.28
O43 ZNZ C . -0.22 -17.95 -25.50
O33 ZNZ C . 2.40 -18.34 -24.94
O23 ZNZ C . 1.64 -16.37 -26.66
C2 ZNZ C . 2.31 -14.97 -22.50
O12 ZNZ C . 2.84 -14.55 -23.74
P2 ZNZ C . 4.40 -14.86 -24.22
O22 ZNZ C . 4.56 -14.64 -25.86
O32 ZNZ C . 5.33 -13.81 -23.35
O42 ZNZ C . 4.82 -16.38 -23.76
H1 ZNZ C . -1.84 -14.29 -17.92
H3 ZNZ C . 0.83 -14.47 -20.16
H4 ZNZ C . 0.96 -13.37 -22.99
H5 ZNZ C . 2.76 -9.26 -22.26
H7 ZNZ C . -0.89 -15.01 -22.57
H8 ZNZ C . -3.62 -17.46 -22.76
H10 ZNZ C . 0.73 -16.83 -20.75
H11 ZNZ C . 0.12 -18.49 -21.76
H12 ZNZ C . 2.21 -17.14 -22.62
H13 ZNZ C . -0.17 -18.58 -26.21
H15 ZNZ C . 3.03 -15.19 -21.73
H16 ZNZ C . 5.46 -14.68 -26.13
O46 ZNZ D . -4.26 2.34 2.72
P6 ZNZ D . -3.10 1.56 1.85
O26 ZNZ D . -1.60 2.16 2.18
O36 ZNZ D . -3.17 -0.06 2.20
O16 ZNZ D . -3.43 1.83 0.26
C6 ZNZ D . -4.72 1.43 -0.12
C1 ZNZ D . -4.66 0.58 -1.38
O11 ZNZ D . -3.79 -0.52 -1.20
P1 ZNZ D . -2.47 -0.63 -2.23
O41 ZNZ D . -1.55 -1.96 -1.87
O31 ZNZ D . -3.10 -0.77 -3.75
O21 ZNZ D . -1.55 0.74 -2.17
C5 ZNZ D . -5.62 2.66 -0.36
O15 ZNZ D . -5.74 3.48 0.76
P5 ZNZ D . -5.45 5.05 0.44
O45 ZNZ D . -6.48 5.56 -0.74
O35 ZNZ D . -3.89 5.23 -0.07
O25 ZNZ D . -5.64 5.93 1.80
C4 ZNZ D . -7.03 2.20 -0.77
O14 ZNZ D . -7.86 3.30 -0.96
C3 ZNZ D . -7.02 1.34 -2.05
O13 ZNZ D . -6.61 2.09 -3.17
P3 ZNZ D . -7.78 2.74 -4.12
O43 ZNZ D . -8.02 4.30 -3.65
O33 ZNZ D . -9.18 1.87 -3.94
O23 ZNZ D . -7.26 2.68 -5.69
C2 ZNZ D . -6.06 0.16 -1.88
O12 ZNZ D . -5.78 -0.38 -3.14
P2 ZNZ D . -6.63 -1.61 -3.81
O22 ZNZ D . -6.77 -1.32 -5.43
O32 ZNZ D . -5.82 -3.02 -3.57
O42 ZNZ D . -8.13 -1.66 -3.12
H1 ZNZ D . -4.13 2.21 3.64
H3 ZNZ D . -5.11 0.86 0.73
H4 ZNZ D . -4.20 1.17 -2.17
H5 ZNZ D . -0.77 -2.00 -2.41
H7 ZNZ D . -5.14 3.25 -1.13
H8 ZNZ D . -6.55 6.50 -0.69
H10 ZNZ D . -7.42 1.59 0.04
H11 ZNZ D . -8.61 3.22 -0.38
H12 ZNZ D . -8.02 1.01 -2.26
H13 ZNZ D . -8.56 4.76 -4.28
H15 ZNZ D . -6.54 -0.53 -1.20
H16 ZNZ D . -7.03 -2.12 -5.86
O46 ZNZ E . -2.82 15.36 17.99
P6 ZNZ E . -3.24 13.86 18.56
O26 ZNZ E . -4.45 13.17 17.68
O36 ZNZ E . -1.88 12.93 18.57
O16 ZNZ E . -3.79 14.01 20.11
C6 ZNZ E . -2.82 14.67 20.89
C1 ZNZ E . -2.60 13.88 22.17
O11 ZNZ E . -2.26 12.56 21.78
P1 ZNZ E . -3.22 11.31 22.29
O41 ZNZ E . -2.74 9.86 21.66
O31 ZNZ E . -3.01 11.23 23.93
O21 ZNZ E . -4.81 11.55 21.96
C5 ZNZ E . -3.16 16.13 21.24
O15 ZNZ E . -3.34 16.89 20.08
P5 ZNZ E . -4.64 17.92 20.17
O45 ZNZ E . -4.57 18.71 21.63
O35 ZNZ E . -5.99 16.97 20.07
O25 ZNZ E . -4.58 19.01 18.92
C4 ZNZ E . -2.01 16.81 21.99
O14 ZNZ E . -2.31 18.15 22.31
C3 ZNZ E . -1.70 16.09 23.29
O13 ZNZ E . -2.74 16.28 24.22
P3 ZNZ E . -2.70 17.51 25.35
O43 ZNZ E . -3.77 18.70 24.89
O33 ZNZ E . -1.19 18.17 25.48
O23 ZNZ E . -3.12 16.91 26.84
C2 ZNZ E . -1.54 14.59 23.05
O12 ZNZ E . -1.75 14.00 24.30
P2 ZNZ E . -0.70 13.95 25.56
O22 ZNZ E . -1.48 14.13 27.02
O32 ZNZ E . -0.08 12.45 25.42
O42 ZNZ E . 0.54 15.06 25.41
H1 ZNZ E . -2.46 15.28 17.11
H3 ZNZ E . -1.94 14.70 20.25
H4 ZNZ E . -3.48 13.79 22.79
H5 ZNZ E . -3.21 9.16 22.08
H7 ZNZ E . -4.07 16.09 21.82
H8 ZNZ E . -5.07 19.52 21.56
H10 ZNZ E . -1.17 16.81 21.31
H11 ZNZ E . -1.58 18.68 22.06
H12 ZNZ E . -0.80 16.52 23.72
H13 ZNZ E . -3.92 19.29 25.61
H15 ZNZ E . -0.57 14.46 22.58
H16 ZNZ E . -1.12 13.55 27.67
#